data_7V6F
#
_entry.id   7V6F
#
_cell.length_a   119.458
_cell.length_b   56.570
_cell.length_c   131.747
_cell.angle_alpha   90.000
_cell.angle_beta   113.430
_cell.angle_gamma   90.000
#
_symmetry.space_group_name_H-M   'C 1 2 1'
#
loop_
_entity.id
_entity.type
_entity.pdbx_description
1 polymer 'Fructose-bisphosphate aldolase'
2 non-polymer 'ZINC ION'
3 non-polymer GLYCERALDEHYDE-3-PHOSPHATE
4 water water
#
_entity_poly.entity_id   1
_entity_poly.type   'polypeptide(L)'
_entity_poly.pdbx_seq_one_letter_code
;MAPPAVLSKSGVIYGKDVKDLFDYAQEKGFAIPAINVTSSSTVVAALEAARDNKAPIILQTSQGGAAYFAGKGVDNKDQA
ASIAGSIAAAHYIRAIAPTYGIPVVLHTDHCAKKLLPWFDGMLKADEEFFAKTGTPLFSSHMLDLSEETDDENIATCAKY
FERMAKMGQWLEMEIGITGGEEDGVNNEHVEKDALYTSPETVFAVYESLHKISPNFSIAAAFGNVHGVYKPGNVQLRPEI
LGDHQVYAKKQIGTDAKHPLYLVFHGGSGSTQEEFNTAIKNGVVKVNLDTDCQYAYLTGIRDYVTNKIEYLKAPVGNPEG
ADKPNKKYFDPRVWVREGEKTMSKRIAEALDIFHTKGQLHHHHHH
;
_entity_poly.pdbx_strand_id   A,B
#
# COMPACT_ATOMS: atom_id res chain seq x y z
N PRO A 3 22.10 19.68 17.69
CA PRO A 3 21.20 18.85 16.87
C PRO A 3 19.92 19.58 16.46
N PRO A 4 19.44 19.44 15.19
CA PRO A 4 18.20 20.13 14.73
C PRO A 4 16.90 19.39 15.02
N ALA A 5 15.77 19.98 14.58
CA ALA A 5 14.41 19.56 14.93
C ALA A 5 14.07 18.15 14.41
N VAL A 6 14.78 17.72 13.36
CA VAL A 6 14.38 16.57 12.56
C VAL A 6 14.40 15.30 13.42
N LEU A 7 15.43 15.14 14.27
CA LEU A 7 15.63 13.84 14.91
C LEU A 7 14.58 13.58 15.98
N SER A 8 13.69 14.56 16.20
CA SER A 8 12.59 14.43 17.14
C SER A 8 11.31 14.02 16.41
N LYS A 9 11.15 14.49 15.17
CA LYS A 9 9.90 14.39 14.43
C LYS A 9 9.68 12.98 13.90
N SER A 10 8.39 12.71 13.62
CA SER A 10 7.92 11.45 13.08
C SER A 10 6.97 11.71 11.92
N GLY A 11 7.17 10.96 10.83
CA GLY A 11 6.46 11.16 9.57
C GLY A 11 7.42 11.34 8.40
N VAL A 12 6.93 12.05 7.38
CA VAL A 12 7.72 12.35 6.19
C VAL A 12 8.07 13.82 6.30
N ILE A 13 9.29 14.17 5.89
CA ILE A 13 9.83 15.51 6.09
C ILE A 13 9.94 16.24 4.75
N TYR A 14 10.04 17.58 4.79
CA TYR A 14 10.13 18.41 3.59
C TYR A 14 11.01 19.64 3.85
N GLY A 15 11.37 20.33 2.75
CA GLY A 15 12.11 21.58 2.78
C GLY A 15 13.35 21.51 3.67
N LYS A 16 13.50 22.55 4.50
CA LYS A 16 14.69 22.81 5.29
C LYS A 16 15.06 21.58 6.11
N ASP A 17 14.03 20.87 6.59
CA ASP A 17 14.20 19.73 7.49
C ASP A 17 14.95 18.59 6.82
N VAL A 18 14.83 18.49 5.49
CA VAL A 18 15.55 17.47 4.74
C VAL A 18 17.04 17.78 4.78
N LYS A 19 17.35 19.09 4.65
CA LYS A 19 18.71 19.60 4.66
C LYS A 19 19.34 19.36 6.02
N ASP A 20 18.67 19.88 7.07
CA ASP A 20 19.16 19.77 8.44
C ASP A 20 19.64 18.33 8.64
N LEU A 21 18.79 17.39 8.20
CA LEU A 21 19.02 15.97 8.41
C LEU A 21 20.34 15.55 7.79
N PHE A 22 20.60 16.06 6.57
CA PHE A 22 21.74 15.59 5.79
C PHE A 22 23.03 16.14 6.38
N ASP A 23 22.93 17.35 6.97
CA ASP A 23 24.07 18.02 7.56
C ASP A 23 24.57 17.22 8.76
N TYR A 24 23.62 16.88 9.63
CA TYR A 24 23.91 16.02 10.75
C TYR A 24 24.58 14.73 10.24
N ALA A 25 24.05 14.18 9.15
CA ALA A 25 24.54 12.92 8.58
C ALA A 25 26.05 12.98 8.42
N GLN A 26 26.51 14.00 7.68
CA GLN A 26 27.91 14.13 7.36
C GLN A 26 28.68 14.55 8.62
N GLU A 27 28.01 15.33 9.48
CA GLU A 27 28.60 15.80 10.72
C GLU A 27 29.07 14.65 11.61
N LYS A 28 28.13 13.77 12.01
CA LYS A 28 28.36 12.72 13.00
C LYS A 28 28.91 11.44 12.35
N GLY A 29 28.99 11.44 11.00
CA GLY A 29 29.71 10.40 10.27
C GLY A 29 28.93 9.10 10.09
N PHE A 30 27.67 9.23 9.62
CA PHE A 30 26.85 8.09 9.26
C PHE A 30 26.11 8.38 7.95
N ALA A 31 25.80 7.29 7.21
CA ALA A 31 24.93 7.35 6.04
C ALA A 31 23.64 6.59 6.33
N ILE A 32 22.53 7.20 5.87
CA ILE A 32 21.17 6.74 6.00
C ILE A 32 20.80 5.82 4.82
N PRO A 33 20.28 4.60 5.08
CA PRO A 33 20.01 3.64 4.00
C PRO A 33 18.79 4.08 3.20
N ALA A 34 18.94 4.05 1.87
CA ALA A 34 17.85 4.26 0.95
C ALA A 34 17.36 2.90 0.46
N ILE A 35 16.11 2.58 0.79
CA ILE A 35 15.55 1.29 0.42
C ILE A 35 14.58 1.50 -0.74
N ASN A 36 14.52 0.53 -1.63
CA ASN A 36 13.61 0.59 -2.69
C ASN A 36 12.51 -0.34 -2.30
N VAL A 37 11.31 0.20 -2.17
CA VAL A 37 10.10 -0.47 -1.75
C VAL A 37 9.24 -0.68 -2.99
N THR A 38 8.39 -1.68 -2.94
CA THR A 38 7.53 -1.99 -4.02
C THR A 38 6.14 -2.31 -3.62
N SER A 39 5.82 -2.20 -2.33
CA SER A 39 4.51 -2.55 -1.81
C SER A 39 4.44 -2.12 -0.36
N SER A 40 3.20 -1.92 0.11
CA SER A 40 2.96 -1.55 1.49
C SER A 40 3.80 -2.47 2.38
N SER A 41 3.81 -3.75 2.03
CA SER A 41 4.52 -4.78 2.79
C SER A 41 5.99 -4.44 2.98
N THR A 42 6.68 -4.05 1.90
CA THR A 42 8.13 -3.87 1.96
C THR A 42 8.43 -2.54 2.64
N VAL A 43 7.49 -1.61 2.52
CA VAL A 43 7.61 -0.31 3.17
C VAL A 43 7.68 -0.59 4.66
N VAL A 44 6.82 -1.52 5.11
CA VAL A 44 6.72 -1.86 6.52
C VAL A 44 8.10 -2.33 6.98
N ALA A 45 8.59 -3.39 6.33
CA ALA A 45 9.89 -3.97 6.66
C ALA A 45 10.91 -2.87 6.89
N ALA A 46 10.92 -1.88 5.99
CA ALA A 46 11.90 -0.82 6.05
C ALA A 46 11.60 0.08 7.25
N LEU A 47 10.35 0.53 7.36
CA LEU A 47 9.90 1.51 8.33
C LEU A 47 10.01 0.97 9.77
N GLU A 48 10.00 -0.36 9.89
CA GLU A 48 9.99 -1.03 11.16
C GLU A 48 11.44 -1.26 11.56
N ALA A 49 12.24 -1.82 10.66
CA ALA A 49 13.65 -2.02 10.94
C ALA A 49 14.30 -0.68 11.27
N ALA A 50 13.83 0.41 10.68
CA ALA A 50 14.38 1.71 11.02
C ALA A 50 14.04 2.06 12.48
N ARG A 51 12.75 1.97 12.83
CA ARG A 51 12.23 2.36 14.13
C ARG A 51 12.92 1.59 15.25
N ASP A 52 12.96 0.26 15.10
CA ASP A 52 13.57 -0.67 16.04
C ASP A 52 15.03 -0.33 16.32
N ASN A 53 15.68 0.36 15.37
CA ASN A 53 17.10 0.60 15.49
C ASN A 53 17.32 2.08 15.75
N LYS A 54 16.22 2.80 15.99
CA LYS A 54 16.22 4.21 16.38
C LYS A 54 17.13 5.03 15.45
N ALA A 55 16.91 4.84 14.14
CA ALA A 55 17.62 5.47 13.03
C ALA A 55 16.60 5.97 12.03
N PRO A 56 16.85 7.09 11.30
CA PRO A 56 15.95 7.52 10.22
C PRO A 56 16.24 6.67 8.98
N ILE A 57 15.47 6.89 7.90
CA ILE A 57 15.64 6.05 6.72
C ILE A 57 15.17 6.82 5.48
N ILE A 58 15.66 6.39 4.31
CA ILE A 58 15.14 6.87 3.05
C ILE A 58 14.38 5.74 2.36
N LEU A 59 13.09 5.98 2.11
CA LEU A 59 12.30 5.10 1.28
C LEU A 59 12.21 5.69 -0.12
N GLN A 60 12.69 4.91 -1.08
CA GLN A 60 12.68 5.31 -2.45
C GLN A 60 11.86 4.39 -3.31
N THR A 61 11.50 4.89 -4.46
CA THR A 61 10.67 4.18 -5.42
C THR A 61 11.31 4.30 -6.78
N SER A 62 11.55 3.18 -7.41
CA SER A 62 12.13 3.23 -8.75
C SER A 62 11.06 3.27 -9.73
N GLN A 63 11.44 3.57 -10.94
CA GLN A 63 10.51 3.67 -12.05
C GLN A 63 9.68 2.38 -12.18
N GLY A 64 10.29 1.25 -12.00
CA GLY A 64 9.57 0.02 -12.09
C GLY A 64 8.89 -0.38 -10.83
N GLY A 65 9.34 0.14 -9.71
CA GLY A 65 8.73 -0.17 -8.46
C GLY A 65 7.55 0.70 -8.24
N ALA A 66 7.61 1.89 -8.78
CA ALA A 66 6.51 2.81 -8.70
C ALA A 66 5.39 2.21 -9.45
N ALA A 67 5.65 1.72 -10.65
CA ALA A 67 4.69 1.05 -11.51
C ALA A 67 4.14 -0.14 -10.87
N TYR A 68 4.93 -0.90 -10.15
CA TYR A 68 4.41 -2.00 -9.38
C TYR A 68 3.40 -1.58 -8.30
N PHE A 69 3.48 -0.38 -7.74
CA PHE A 69 2.53 0.12 -6.76
C PHE A 69 1.16 0.46 -7.30
N ALA A 70 1.05 0.59 -8.62
CA ALA A 70 -0.16 0.82 -9.36
C ALA A 70 -0.64 -0.49 -9.85
N GLY A 71 0.28 -1.29 -10.30
CA GLY A 71 -0.06 -2.60 -10.81
C GLY A 71 0.59 -2.90 -12.12
N LYS A 72 0.98 -4.13 -12.30
CA LYS A 72 1.60 -4.49 -13.53
C LYS A 72 0.58 -4.62 -14.62
N GLY A 73 -0.70 -4.53 -14.29
CA GLY A 73 -1.68 -4.58 -15.37
C GLY A 73 -2.14 -3.22 -15.88
N VAL A 74 -1.50 -2.12 -15.43
CA VAL A 74 -1.90 -0.80 -15.90
C VAL A 74 -0.88 -0.36 -16.93
N ASP A 75 -1.38 0.19 -18.04
CA ASP A 75 -0.53 0.45 -19.19
C ASP A 75 0.44 1.56 -18.79
N ASN A 76 1.70 1.41 -19.21
CA ASN A 76 2.82 2.27 -18.81
C ASN A 76 3.55 2.91 -20.00
N LYS A 77 3.06 2.67 -21.22
CA LYS A 77 3.61 3.25 -22.43
C LYS A 77 3.82 4.77 -22.29
N ASP A 78 3.01 5.43 -21.45
CA ASP A 78 3.00 6.87 -21.41
C ASP A 78 3.46 7.36 -20.04
N GLN A 79 4.12 6.47 -19.30
CA GLN A 79 4.53 6.67 -17.92
C GLN A 79 3.34 6.63 -16.95
N ALA A 80 2.14 6.33 -17.46
CA ALA A 80 0.91 6.35 -16.69
C ALA A 80 1.08 5.60 -15.38
N ALA A 81 1.65 4.39 -15.46
CA ALA A 81 1.62 3.52 -14.32
C ALA A 81 2.63 3.99 -13.27
N SER A 82 3.76 4.52 -13.74
CA SER A 82 4.78 4.99 -12.81
C SER A 82 4.33 6.28 -12.10
N ILE A 83 3.53 7.10 -12.77
CA ILE A 83 3.06 8.29 -12.09
C ILE A 83 2.07 7.85 -11.02
N ALA A 84 1.03 7.11 -11.42
CA ALA A 84 -0.07 6.84 -10.48
C ALA A 84 0.46 6.10 -9.27
N GLY A 85 1.28 5.06 -9.53
CA GLY A 85 1.87 4.27 -8.48
C GLY A 85 2.65 5.14 -7.50
N SER A 86 3.44 6.07 -8.04
CA SER A 86 4.29 6.91 -7.22
C SER A 86 3.42 7.71 -6.24
N ILE A 87 2.37 8.36 -6.78
CA ILE A 87 1.49 9.23 -6.00
C ILE A 87 0.80 8.38 -4.93
N ALA A 88 0.45 7.15 -5.28
CA ALA A 88 -0.33 6.35 -4.35
C ALA A 88 0.60 5.90 -3.22
N ALA A 89 1.82 5.49 -3.59
CA ALA A 89 2.85 5.10 -2.64
C ALA A 89 3.17 6.33 -1.79
N ALA A 90 3.26 7.50 -2.45
CA ALA A 90 3.55 8.73 -1.72
C ALA A 90 2.56 8.83 -0.56
N HIS A 91 1.28 8.76 -0.89
CA HIS A 91 0.23 8.95 0.09
C HIS A 91 0.28 7.86 1.15
N TYR A 92 0.62 6.63 0.76
CA TYR A 92 0.56 5.57 1.74
C TYR A 92 1.65 5.82 2.76
N ILE A 93 2.89 5.90 2.28
CA ILE A 93 4.03 6.18 3.13
C ILE A 93 3.77 7.46 3.94
N ARG A 94 3.11 8.42 3.30
CA ARG A 94 2.80 9.63 4.04
C ARG A 94 2.03 9.25 5.29
N ALA A 95 0.92 8.56 5.08
CA ALA A 95 -0.10 8.32 6.08
C ALA A 95 0.40 7.38 7.19
N ILE A 96 1.28 6.43 6.83
CA ILE A 96 1.57 5.35 7.76
C ILE A 96 2.86 5.65 8.50
N ALA A 97 3.74 6.41 7.85
CA ALA A 97 5.09 6.66 8.34
C ALA A 97 5.04 7.23 9.76
N PRO A 98 4.18 8.25 10.03
CA PRO A 98 4.01 8.83 11.36
C PRO A 98 4.12 7.82 12.49
N THR A 99 3.21 6.84 12.45
CA THR A 99 2.96 5.88 13.50
C THR A 99 4.11 4.88 13.55
N TYR A 100 5.24 5.22 12.94
CA TYR A 100 6.39 4.34 13.06
C TYR A 100 7.48 5.09 13.82
N GLY A 101 7.21 6.38 14.05
CA GLY A 101 7.97 7.22 14.96
C GLY A 101 9.30 7.74 14.42
N ILE A 102 9.61 7.49 13.13
CA ILE A 102 10.88 7.87 12.55
C ILE A 102 10.67 9.09 11.64
N PRO A 103 11.70 9.94 11.41
CA PRO A 103 11.68 10.87 10.28
C PRO A 103 12.09 10.18 8.97
N VAL A 104 11.27 10.38 7.92
CA VAL A 104 11.39 9.63 6.67
C VAL A 104 11.45 10.56 5.47
N VAL A 105 12.45 10.33 4.59
CA VAL A 105 12.58 11.05 3.33
C VAL A 105 12.00 10.21 2.19
N LEU A 106 10.98 10.79 1.53
CA LEU A 106 10.19 10.20 0.46
C LEU A 106 10.78 10.53 -0.92
N HIS A 107 11.64 9.65 -1.42
CA HIS A 107 12.44 9.77 -2.64
C HIS A 107 12.00 8.85 -3.84
N THR A 108 12.42 9.18 -5.07
CA THR A 108 12.18 8.41 -6.26
C THR A 108 13.53 8.15 -6.88
N ASP A 109 13.86 6.94 -7.28
CA ASP A 109 15.15 6.60 -7.86
C ASP A 109 15.43 7.07 -9.30
N HIS A 110 16.48 6.51 -9.89
CA HIS A 110 17.01 6.73 -11.20
C HIS A 110 15.96 7.04 -12.22
N CYS A 111 16.00 8.20 -12.81
CA CYS A 111 15.06 8.57 -13.84
C CYS A 111 15.94 9.05 -14.94
N ALA A 112 15.95 8.32 -16.04
CA ALA A 112 16.77 8.62 -17.17
C ALA A 112 16.07 9.51 -18.12
N LYS A 113 16.81 10.08 -19.05
CA LYS A 113 16.29 10.99 -20.04
C LYS A 113 15.05 10.53 -20.74
N LYS A 114 15.04 9.34 -21.25
CA LYS A 114 13.84 8.83 -21.89
C LYS A 114 12.66 8.76 -20.92
N LEU A 115 12.93 8.71 -19.60
CA LEU A 115 11.90 8.56 -18.60
C LEU A 115 11.39 9.89 -18.04
N LEU A 116 11.84 11.03 -18.61
CA LEU A 116 11.45 12.36 -18.12
C LEU A 116 9.92 12.55 -18.04
N PRO A 117 9.10 12.04 -18.97
CA PRO A 117 7.65 12.06 -18.78
C PRO A 117 7.21 11.71 -17.35
N TRP A 118 7.86 10.75 -16.73
CA TRP A 118 7.53 10.30 -15.39
C TRP A 118 7.81 11.42 -14.46
N PHE A 119 9.01 11.93 -14.51
CA PHE A 119 9.43 13.02 -13.65
C PHE A 119 8.49 14.22 -13.81
N ASP A 120 7.96 14.40 -15.02
CA ASP A 120 7.02 15.48 -15.29
C ASP A 120 5.76 15.28 -14.44
N GLY A 121 5.12 14.11 -14.58
CA GLY A 121 3.87 13.82 -13.90
C GLY A 121 4.00 13.96 -12.38
N MET A 122 5.08 13.42 -11.82
CA MET A 122 5.30 13.51 -10.38
C MET A 122 5.32 14.98 -10.00
N LEU A 123 6.11 15.77 -10.76
CA LEU A 123 6.30 17.18 -10.49
C LEU A 123 4.96 17.93 -10.50
N LYS A 124 4.11 17.68 -11.52
CA LYS A 124 2.82 18.33 -11.60
C LYS A 124 2.08 18.13 -10.29
N ALA A 125 1.93 16.86 -9.91
CA ALA A 125 1.31 16.43 -8.67
C ALA A 125 1.95 17.17 -7.50
N ASP A 126 3.29 17.14 -7.46
CA ASP A 126 4.11 17.82 -6.46
C ASP A 126 3.62 19.25 -6.27
N GLU A 127 3.67 20.03 -7.35
CA GLU A 127 3.37 21.44 -7.22
C GLU A 127 1.89 21.63 -6.86
N GLU A 128 1.01 20.80 -7.43
CA GLU A 128 -0.42 20.86 -7.11
C GLU A 128 -0.66 20.48 -5.66
N PHE A 129 0.25 19.71 -5.05
CA PHE A 129 0.13 19.40 -3.63
C PHE A 129 0.59 20.62 -2.87
N PHE A 130 1.67 21.22 -3.37
CA PHE A 130 2.23 22.38 -2.71
C PHE A 130 1.21 23.52 -2.69
N ALA A 131 0.34 23.53 -3.71
CA ALA A 131 -0.69 24.55 -3.92
C ALA A 131 -1.81 24.42 -2.89
N LYS A 132 -1.84 23.29 -2.17
CA LYS A 132 -2.91 23.04 -1.22
C LYS A 132 -2.37 22.93 0.19
N THR A 133 -1.07 22.72 0.34
CA THR A 133 -0.59 22.38 1.67
C THR A 133 0.59 23.26 2.02
N GLY A 134 1.23 23.84 1.00
CA GLY A 134 2.52 24.48 1.17
C GLY A 134 3.62 23.46 1.48
N THR A 135 3.39 22.23 1.02
CA THR A 135 4.42 21.21 0.93
C THR A 135 4.21 20.42 -0.36
N PRO A 136 5.29 19.90 -0.99
CA PRO A 136 5.12 18.97 -2.11
C PRO A 136 4.74 17.59 -1.59
N LEU A 137 4.31 16.73 -2.51
CA LEU A 137 4.01 15.34 -2.22
C LEU A 137 5.31 14.60 -1.88
N PHE A 138 6.29 14.58 -2.80
CA PHE A 138 7.54 13.84 -2.58
C PHE A 138 8.53 14.71 -1.82
N SER A 139 9.38 14.07 -1.00
CA SER A 139 10.37 14.79 -0.23
C SER A 139 11.57 15.15 -1.10
N SER A 140 12.04 14.20 -1.91
CA SER A 140 13.21 14.35 -2.77
C SER A 140 12.97 13.66 -4.12
N HIS A 141 13.84 13.89 -5.10
CA HIS A 141 13.70 13.27 -6.42
C HIS A 141 15.07 12.96 -7.01
N MET A 142 15.15 12.07 -8.00
CA MET A 142 16.43 11.76 -8.64
C MET A 142 16.39 11.86 -10.12
N LEU A 143 17.52 12.23 -10.70
CA LEU A 143 17.66 12.37 -12.11
C LEU A 143 18.94 11.73 -12.52
N ASP A 144 18.85 10.68 -13.27
CA ASP A 144 20.02 9.99 -13.71
C ASP A 144 20.16 10.37 -15.14
N LEU A 145 21.05 11.26 -15.48
CA LEU A 145 21.22 11.60 -16.86
C LEU A 145 22.62 11.30 -17.29
N SER A 146 23.29 10.46 -16.54
CA SER A 146 24.67 10.11 -16.79
C SER A 146 25.05 9.76 -18.18
N GLU A 147 24.16 9.17 -18.95
CA GLU A 147 24.48 8.78 -20.30
C GLU A 147 24.59 9.98 -21.22
N GLU A 148 23.90 11.08 -20.90
CA GLU A 148 24.03 12.29 -21.69
C GLU A 148 25.39 12.95 -21.48
N THR A 149 25.75 13.84 -22.41
CA THR A 149 26.93 14.67 -22.23
C THR A 149 26.70 15.54 -21.00
N ASP A 150 27.81 15.87 -20.33
CA ASP A 150 27.78 16.41 -18.99
C ASP A 150 27.13 17.79 -19.01
N ASP A 151 27.37 18.54 -20.09
CA ASP A 151 26.70 19.80 -20.31
C ASP A 151 25.19 19.61 -20.23
N GLU A 152 24.64 18.70 -21.05
CA GLU A 152 23.20 18.52 -21.18
C GLU A 152 22.62 17.94 -19.91
N ASN A 153 23.46 17.16 -19.20
CA ASN A 153 23.13 16.63 -17.90
C ASN A 153 22.82 17.78 -16.94
N ILE A 154 23.82 18.67 -16.71
CA ILE A 154 23.73 19.72 -15.69
C ILE A 154 22.62 20.70 -16.07
N ALA A 155 22.54 21.02 -17.36
CA ALA A 155 21.52 21.93 -17.83
C ALA A 155 20.13 21.37 -17.53
N THR A 156 19.91 20.07 -17.81
CA THR A 156 18.56 19.56 -17.64
C THR A 156 18.26 19.44 -16.16
N CYS A 157 19.28 19.13 -15.36
CA CYS A 157 19.07 19.08 -13.93
C CYS A 157 18.64 20.46 -13.46
N ALA A 158 19.30 21.50 -14.00
CA ALA A 158 19.00 22.89 -13.67
C ALA A 158 17.53 23.20 -13.93
N LYS A 159 17.09 22.93 -15.17
CA LYS A 159 15.78 23.33 -15.66
C LYS A 159 14.69 22.84 -14.72
N TYR A 160 14.88 21.62 -14.18
CA TYR A 160 13.93 20.99 -13.27
C TYR A 160 14.20 21.50 -11.87
N PHE A 161 15.48 21.67 -11.52
CA PHE A 161 15.79 22.12 -10.19
C PHE A 161 15.01 23.39 -9.84
N GLU A 162 14.83 24.28 -10.82
CA GLU A 162 14.26 25.57 -10.46
C GLU A 162 12.75 25.49 -10.31
N ARG A 163 12.11 24.61 -11.09
CA ARG A 163 10.69 24.36 -10.91
C ARG A 163 10.53 23.77 -9.50
N MET A 164 11.62 23.16 -9.00
CA MET A 164 11.57 22.29 -7.85
C MET A 164 11.92 23.09 -6.60
N ALA A 165 12.69 24.16 -6.80
CA ALA A 165 13.20 24.92 -5.69
C ALA A 165 12.08 25.80 -5.15
N LYS A 166 11.11 26.13 -6.02
CA LYS A 166 9.91 26.88 -5.66
C LYS A 166 9.08 26.14 -4.59
N MET A 167 9.38 24.85 -4.36
CA MET A 167 8.72 24.03 -3.34
C MET A 167 9.76 23.44 -2.38
N GLY A 168 10.95 24.06 -2.28
CA GLY A 168 11.98 23.65 -1.34
C GLY A 168 12.34 22.17 -1.45
N GLN A 169 12.01 21.59 -2.62
CA GLN A 169 12.20 20.18 -2.88
C GLN A 169 13.69 19.88 -3.09
N TRP A 170 14.08 18.64 -2.82
CA TRP A 170 15.47 18.22 -2.96
C TRP A 170 15.63 17.56 -4.32
N LEU A 171 16.87 17.52 -4.84
CA LEU A 171 17.19 16.91 -6.11
C LEU A 171 18.50 16.14 -6.00
N GLU A 172 18.47 14.85 -6.37
CA GLU A 172 19.67 14.05 -6.55
C GLU A 172 19.90 13.88 -8.04
N MET A 173 21.19 13.85 -8.42
CA MET A 173 21.62 13.76 -9.81
C MET A 173 22.81 12.81 -9.92
N GLU A 174 22.82 12.01 -10.97
CA GLU A 174 23.90 11.12 -11.22
C GLU A 174 24.75 11.63 -12.35
N ILE A 175 26.06 11.46 -12.23
CA ILE A 175 27.06 11.93 -13.17
C ILE A 175 28.07 10.80 -13.35
N GLY A 176 28.62 10.67 -14.56
CA GLY A 176 29.38 9.46 -14.88
C GLY A 176 30.73 9.72 -15.55
N ILE A 177 30.97 9.02 -16.67
CA ILE A 177 32.19 9.19 -17.44
C ILE A 177 31.83 9.45 -18.91
N THR A 178 31.04 10.49 -19.16
CA THR A 178 30.53 10.74 -20.50
C THR A 178 31.20 11.95 -21.17
N GLY A 179 31.67 12.91 -20.36
CA GLY A 179 32.30 14.12 -20.87
C GLY A 179 31.30 15.03 -21.57
N GLY A 180 31.81 16.00 -22.35
CA GLY A 180 31.00 16.92 -23.14
C GLY A 180 31.77 18.17 -23.52
N LEU A 195 38.19 4.10 -16.20
CA LEU A 195 38.04 5.57 -16.01
C LEU A 195 36.97 5.87 -14.95
N TYR A 196 37.19 6.98 -14.22
CA TYR A 196 36.34 7.45 -13.13
C TYR A 196 35.89 8.89 -13.39
N THR A 197 35.11 9.46 -12.47
CA THR A 197 34.56 10.77 -12.75
C THR A 197 35.45 11.80 -12.07
N SER A 198 35.73 12.90 -12.78
CA SER A 198 36.70 13.91 -12.39
C SER A 198 36.12 14.83 -11.31
N PRO A 199 36.95 15.29 -10.34
CA PRO A 199 36.55 16.33 -9.39
C PRO A 199 35.95 17.60 -10.00
N GLU A 200 36.42 17.88 -11.22
CA GLU A 200 36.02 19.09 -11.91
C GLU A 200 34.56 19.00 -12.34
N THR A 201 34.19 17.87 -12.97
CA THR A 201 32.86 17.65 -13.52
C THR A 201 31.85 17.68 -12.37
N VAL A 202 32.21 17.11 -11.21
CA VAL A 202 31.32 17.20 -10.08
C VAL A 202 31.22 18.66 -9.61
N PHE A 203 32.35 19.39 -9.62
CA PHE A 203 32.26 20.76 -9.16
C PHE A 203 31.40 21.59 -10.10
N ALA A 204 31.45 21.26 -11.40
CA ALA A 204 30.65 21.93 -12.41
C ALA A 204 29.15 21.79 -12.12
N VAL A 205 28.74 20.59 -11.66
CA VAL A 205 27.40 20.34 -11.14
C VAL A 205 27.09 21.37 -10.06
N TYR A 206 27.99 21.44 -9.04
CA TYR A 206 27.79 22.33 -7.91
C TYR A 206 27.63 23.77 -8.40
N GLU A 207 28.58 24.20 -9.23
CA GLU A 207 28.66 25.59 -9.64
C GLU A 207 27.37 25.99 -10.37
N SER A 208 26.71 24.98 -10.98
CA SER A 208 25.55 25.22 -11.82
C SER A 208 24.25 25.18 -11.01
N LEU A 209 24.26 24.47 -9.88
CA LEU A 209 23.01 24.15 -9.19
C LEU A 209 22.83 24.99 -7.93
N HIS A 210 23.96 25.33 -7.27
CA HIS A 210 23.95 26.14 -6.06
C HIS A 210 23.38 27.53 -6.34
N LYS A 211 23.32 27.89 -7.62
CA LYS A 211 22.77 29.17 -8.05
C LYS A 211 21.26 29.20 -7.87
N ILE A 212 20.59 28.03 -7.80
CA ILE A 212 19.14 28.01 -7.72
C ILE A 212 18.66 27.71 -6.30
N SER A 213 19.25 26.68 -5.68
CA SER A 213 18.88 26.19 -4.37
C SER A 213 19.95 25.22 -3.89
N PRO A 214 20.28 25.16 -2.58
CA PRO A 214 21.37 24.29 -2.13
C PRO A 214 20.96 22.84 -1.90
N ASN A 215 19.72 22.50 -2.30
CA ASN A 215 19.09 21.22 -1.98
C ASN A 215 19.34 20.18 -3.07
N PHE A 216 20.58 19.68 -3.14
CA PHE A 216 20.99 18.77 -4.20
C PHE A 216 22.10 17.83 -3.73
N SER A 217 22.01 16.59 -4.22
CA SER A 217 22.86 15.46 -3.90
C SER A 217 23.52 14.95 -5.20
N ILE A 218 24.66 14.23 -5.10
CA ILE A 218 25.39 13.79 -6.29
C ILE A 218 25.85 12.33 -6.14
N ALA A 219 25.50 11.49 -7.14
CA ALA A 219 26.11 10.18 -7.25
C ALA A 219 27.16 10.26 -8.34
N ALA A 220 28.40 9.88 -8.01
CA ALA A 220 29.51 9.97 -8.96
C ALA A 220 30.13 8.59 -9.19
N ALA A 221 30.74 8.43 -10.36
CA ALA A 221 31.22 7.15 -10.85
C ALA A 221 32.62 6.88 -10.30
N PHE A 222 32.76 5.82 -9.51
CA PHE A 222 34.00 5.48 -8.82
C PHE A 222 34.18 3.96 -8.72
N GLY A 223 33.90 3.26 -9.83
CA GLY A 223 34.13 1.82 -9.95
C GLY A 223 33.03 0.96 -9.33
N ASN A 224 31.77 1.44 -9.44
CA ASN A 224 30.59 0.76 -8.90
C ASN A 224 29.55 0.54 -10.01
N VAL A 225 29.88 -0.33 -10.97
CA VAL A 225 29.10 -0.52 -12.19
C VAL A 225 27.63 -0.76 -11.82
N HIS A 226 26.72 -0.16 -12.60
CA HIS A 226 25.29 -0.49 -12.58
C HIS A 226 24.55 0.30 -13.68
N GLN A 235 37.33 -2.03 -10.11
CA GLN A 235 36.72 -2.25 -8.77
C GLN A 235 36.90 -1.03 -7.89
N LEU A 236 36.19 -1.03 -6.75
CA LEU A 236 35.73 0.16 -6.08
C LEU A 236 36.89 1.03 -5.62
N ARG A 237 36.81 2.33 -5.93
CA ARG A 237 37.83 3.30 -5.58
C ARG A 237 37.22 4.40 -4.72
N PRO A 238 36.79 4.12 -3.47
CA PRO A 238 36.07 5.11 -2.68
C PRO A 238 36.80 6.42 -2.33
N GLU A 239 38.15 6.36 -2.28
CA GLU A 239 38.98 7.49 -1.89
C GLU A 239 38.74 8.67 -2.83
N ILE A 240 38.37 8.36 -4.08
CA ILE A 240 38.14 9.34 -5.13
C ILE A 240 37.04 10.32 -4.69
N LEU A 241 36.10 9.86 -3.86
CA LEU A 241 35.04 10.76 -3.40
C LEU A 241 35.65 11.95 -2.66
N GLY A 242 36.75 11.69 -1.94
CA GLY A 242 37.40 12.71 -1.15
C GLY A 242 37.94 13.82 -2.04
N ASP A 243 38.53 13.40 -3.16
CA ASP A 243 39.10 14.30 -4.16
C ASP A 243 38.04 15.29 -4.60
N HIS A 244 36.81 14.78 -4.78
CA HIS A 244 35.64 15.56 -5.17
C HIS A 244 35.37 16.64 -4.13
N GLN A 245 35.73 16.33 -2.87
CA GLN A 245 35.48 17.16 -1.68
C GLN A 245 36.61 18.17 -1.48
N VAL A 246 37.86 17.68 -1.41
CA VAL A 246 39.02 18.55 -1.23
C VAL A 246 38.94 19.67 -2.26
N TYR A 247 38.90 19.26 -3.55
CA TYR A 247 38.82 20.14 -4.70
C TYR A 247 37.84 21.29 -4.45
N ALA A 248 36.61 20.95 -4.05
CA ALA A 248 35.50 21.90 -4.01
C ALA A 248 35.69 22.91 -2.89
N LYS A 249 36.31 22.45 -1.79
CA LYS A 249 36.69 23.32 -0.68
C LYS A 249 37.48 24.47 -1.28
N LYS A 250 38.61 24.13 -1.92
CA LYS A 250 39.44 25.11 -2.59
C LYS A 250 38.57 26.13 -3.31
N GLN A 251 37.64 25.63 -4.13
CA GLN A 251 37.09 26.43 -5.22
C GLN A 251 36.02 27.42 -4.70
N ILE A 252 35.79 27.41 -3.38
CA ILE A 252 34.76 28.26 -2.82
C ILE A 252 35.29 28.89 -1.54
N GLY A 253 36.41 28.32 -1.04
CA GLY A 253 37.08 28.71 0.19
C GLY A 253 36.16 28.65 1.41
N THR A 254 35.98 27.45 1.97
CA THR A 254 35.23 27.30 3.21
C THR A 254 35.88 26.24 4.08
N ASP A 255 35.75 26.40 5.38
CA ASP A 255 36.34 25.53 6.38
C ASP A 255 35.91 24.09 6.12
N ALA A 256 34.64 23.93 5.74
CA ALA A 256 33.90 22.67 5.66
C ALA A 256 34.64 21.63 4.81
N LYS A 257 34.88 20.45 5.39
CA LYS A 257 35.52 19.34 4.70
C LYS A 257 34.48 18.61 3.84
N HIS A 258 33.18 18.89 4.09
CA HIS A 258 32.08 18.30 3.36
C HIS A 258 31.20 19.39 2.74
N PRO A 259 31.61 19.97 1.58
CA PRO A 259 30.79 20.95 0.87
C PRO A 259 29.79 20.28 -0.08
N LEU A 260 29.86 18.95 -0.18
CA LEU A 260 29.01 18.21 -1.07
C LEU A 260 28.25 17.09 -0.33
N TYR A 261 27.02 16.86 -0.80
CA TYR A 261 26.17 15.74 -0.42
C TYR A 261 26.25 14.65 -1.48
N LEU A 262 26.99 13.56 -1.20
CA LEU A 262 27.34 12.52 -2.17
C LEU A 262 26.57 11.22 -1.88
N VAL A 263 26.21 10.47 -2.94
CA VAL A 263 25.40 9.26 -2.78
C VAL A 263 26.12 8.04 -3.36
N PHE A 264 26.01 6.94 -2.62
CA PHE A 264 26.66 5.69 -2.93
C PHE A 264 25.62 4.75 -3.56
N HIS A 265 25.79 4.52 -4.87
CA HIS A 265 24.91 3.68 -5.66
C HIS A 265 25.54 2.30 -5.81
N GLY A 266 24.77 1.26 -5.92
CA GLY A 266 25.37 -0.04 -6.11
C GLY A 266 26.21 -0.44 -4.95
N GLY A 267 25.68 -0.24 -3.76
CA GLY A 267 26.40 -0.54 -2.54
C GLY A 267 26.39 -1.97 -2.09
N SER A 268 25.27 -2.65 -2.34
CA SER A 268 25.09 -4.04 -1.99
C SER A 268 26.28 -4.90 -2.37
N GLY A 269 27.13 -5.22 -1.40
CA GLY A 269 28.25 -6.08 -1.65
C GLY A 269 29.65 -5.60 -1.37
N SER A 270 29.80 -4.38 -0.88
CA SER A 270 31.13 -3.88 -0.62
C SER A 270 31.53 -4.15 0.79
N THR A 271 32.82 -4.07 1.03
CA THR A 271 33.36 -4.31 2.37
C THR A 271 32.98 -3.18 3.31
N GLN A 272 32.98 -3.50 4.60
CA GLN A 272 32.57 -2.58 5.65
C GLN A 272 33.48 -1.35 5.61
N GLU A 273 34.75 -1.58 5.28
CA GLU A 273 35.74 -0.52 5.38
C GLU A 273 35.66 0.39 4.16
N GLU A 274 35.20 -0.17 3.04
CA GLU A 274 34.82 0.63 1.89
C GLU A 274 33.72 1.63 2.29
N PHE A 275 32.69 1.11 2.97
CA PHE A 275 31.58 1.95 3.40
C PHE A 275 32.08 3.05 4.32
N ASN A 276 33.11 2.70 5.12
CA ASN A 276 33.66 3.59 6.12
C ASN A 276 34.43 4.71 5.42
N THR A 277 35.30 4.31 4.48
CA THR A 277 36.06 5.27 3.69
C THR A 277 35.09 6.23 2.98
N ALA A 278 33.94 5.69 2.56
CA ALA A 278 32.96 6.47 1.81
C ALA A 278 32.29 7.50 2.70
N ILE A 279 32.05 7.16 3.97
CA ILE A 279 31.42 8.10 4.89
C ILE A 279 32.43 9.21 5.19
N LYS A 280 33.71 8.81 5.34
CA LYS A 280 34.82 9.70 5.60
C LYS A 280 34.67 10.91 4.66
N ASN A 281 34.31 10.60 3.40
CA ASN A 281 34.35 11.54 2.30
C ASN A 281 33.00 12.23 2.10
N GLY A 282 31.95 11.80 2.84
CA GLY A 282 30.78 12.65 3.08
C GLY A 282 29.53 12.24 2.31
N VAL A 283 29.39 10.92 2.07
CA VAL A 283 28.19 10.29 1.53
C VAL A 283 27.13 10.22 2.64
N VAL A 284 25.88 10.53 2.32
CA VAL A 284 24.87 10.65 3.35
C VAL A 284 23.69 9.73 3.09
N LYS A 285 23.74 8.93 2.01
CA LYS A 285 22.71 7.94 1.71
C LYS A 285 23.22 6.83 0.82
N VAL A 286 22.97 5.58 1.23
CA VAL A 286 23.48 4.44 0.50
C VAL A 286 22.35 3.52 0.05
N ASN A 287 22.12 3.53 -1.26
CA ASN A 287 21.06 2.82 -1.89
C ASN A 287 21.17 1.34 -1.81
N LEU A 288 20.11 0.71 -1.37
CA LEU A 288 20.09 -0.71 -1.26
C LEU A 288 18.84 -1.25 -1.91
N ASP A 289 18.99 -2.25 -2.74
CA ASP A 289 17.81 -2.80 -3.36
C ASP A 289 17.90 -4.28 -3.40
N THR A 290 18.72 -4.80 -4.28
CA THR A 290 18.82 -6.23 -4.49
C THR A 290 19.18 -7.17 -3.35
N ASP A 291 19.64 -6.69 -2.22
CA ASP A 291 19.96 -7.56 -1.14
C ASP A 291 18.74 -7.70 -0.28
N CYS A 292 17.83 -6.74 -0.41
CA CYS A 292 16.58 -6.71 0.30
C CYS A 292 15.58 -7.53 -0.45
N GLN A 293 15.71 -7.53 -1.76
CA GLN A 293 14.82 -8.30 -2.57
C GLN A 293 15.07 -9.71 -2.21
N TYR A 294 16.32 -10.10 -2.03
CA TYR A 294 16.60 -11.47 -1.65
C TYR A 294 16.27 -11.69 -0.20
N ALA A 295 16.56 -10.74 0.66
CA ALA A 295 16.23 -10.91 2.06
C ALA A 295 14.73 -11.12 2.25
N TYR A 296 13.93 -10.31 1.54
CA TYR A 296 12.48 -10.42 1.52
C TYR A 296 12.05 -11.80 1.00
N LEU A 297 12.69 -12.28 -0.07
CA LEU A 297 12.30 -13.59 -0.56
C LEU A 297 12.47 -14.61 0.55
N THR A 298 13.65 -14.62 1.16
CA THR A 298 14.14 -15.74 1.96
C THR A 298 13.03 -16.38 2.79
N GLY A 299 12.50 -15.62 3.77
CA GLY A 299 11.56 -16.13 4.76
C GLY A 299 10.31 -16.77 4.14
N ILE A 300 9.92 -16.24 2.98
CA ILE A 300 8.73 -16.70 2.30
C ILE A 300 9.10 -17.99 1.55
N ARG A 301 10.29 -18.05 1.03
CA ARG A 301 10.74 -19.24 0.33
C ARG A 301 10.80 -20.35 1.34
N ASP A 302 11.19 -20.00 2.54
CA ASP A 302 11.36 -20.99 3.59
C ASP A 302 10.01 -21.58 3.99
N TYR A 303 8.92 -21.06 3.41
CA TYR A 303 7.64 -21.74 3.36
C TYR A 303 7.57 -22.70 2.16
N VAL A 304 8.73 -23.31 1.85
CA VAL A 304 8.84 -24.56 1.10
C VAL A 304 8.86 -25.68 2.13
N THR A 305 8.83 -25.29 3.40
CA THR A 305 8.92 -26.23 4.49
C THR A 305 7.53 -26.72 4.88
N ASN A 306 6.51 -25.88 4.70
CA ASN A 306 5.14 -26.28 5.02
C ASN A 306 4.36 -26.54 3.77
N LYS A 307 4.97 -27.12 2.77
CA LYS A 307 4.27 -27.32 1.52
C LYS A 307 3.16 -28.34 1.48
N ILE A 308 3.07 -29.19 2.47
CA ILE A 308 2.02 -30.17 2.50
C ILE A 308 0.81 -29.60 3.22
N GLU A 309 0.96 -28.47 3.87
CA GLU A 309 -0.12 -27.82 4.55
C GLU A 309 -0.42 -26.53 3.82
N TYR A 310 -0.24 -26.54 2.52
CA TYR A 310 -0.44 -25.39 1.70
C TYR A 310 -0.54 -25.84 0.28
N LEU A 311 -1.03 -27.04 0.06
CA LEU A 311 -1.09 -27.53 -1.29
C LEU A 311 -2.49 -27.73 -1.75
N LYS A 312 -3.40 -27.62 -0.81
CA LYS A 312 -4.80 -27.85 -1.07
C LYS A 312 -5.83 -26.80 -0.80
N ALA A 313 -6.18 -26.63 0.48
CA ALA A 313 -7.15 -25.71 1.18
C ALA A 313 -7.63 -26.40 2.46
N PRO A 314 -7.87 -27.73 2.38
CA PRO A 314 -8.29 -28.65 3.43
C PRO A 314 -7.27 -29.73 3.83
N VAL A 315 -6.63 -30.42 2.88
CA VAL A 315 -5.67 -31.47 3.21
C VAL A 315 -4.52 -31.11 4.14
N GLY A 316 -4.73 -31.31 5.43
CA GLY A 316 -3.72 -31.00 6.41
C GLY A 316 -2.85 -32.20 6.63
N ASN A 317 -1.92 -32.11 7.55
CA ASN A 317 -1.09 -33.27 7.81
C ASN A 317 -1.79 -34.14 8.82
N PRO A 318 -1.88 -33.65 10.03
CA PRO A 318 -2.50 -34.22 11.20
C PRO A 318 -3.92 -34.75 11.06
N GLU A 319 -4.41 -34.97 9.83
CA GLU A 319 -5.77 -35.51 9.52
C GLU A 319 -5.90 -35.70 8.01
N GLY A 320 -6.61 -36.74 7.51
CA GLY A 320 -6.72 -37.04 6.10
C GLY A 320 -6.85 -35.89 5.14
N ALA A 321 -8.05 -35.30 5.11
CA ALA A 321 -8.34 -34.22 4.19
C ALA A 321 -9.49 -33.42 4.71
N ASP A 322 -9.70 -33.46 6.01
CA ASP A 322 -10.75 -32.74 6.65
C ASP A 322 -10.23 -31.76 7.72
N LYS A 323 -9.26 -30.93 7.40
CA LYS A 323 -8.79 -29.93 8.36
C LYS A 323 -8.73 -28.51 7.77
N PRO A 324 -8.31 -27.54 8.58
CA PRO A 324 -8.23 -26.12 8.26
C PRO A 324 -6.85 -25.50 7.97
N ASN A 325 -6.50 -25.31 6.71
CA ASN A 325 -5.22 -24.72 6.37
C ASN A 325 -5.20 -23.24 6.60
N LYS A 326 -6.37 -22.66 6.77
CA LYS A 326 -6.54 -21.24 6.92
C LYS A 326 -5.56 -20.49 7.77
N LYS A 327 -5.00 -21.11 8.79
CA LYS A 327 -4.04 -20.36 9.60
C LYS A 327 -2.62 -20.58 9.11
N TYR A 328 -2.48 -21.35 8.05
CA TYR A 328 -1.18 -21.61 7.44
C TYR A 328 -1.00 -20.84 6.15
N PHE A 329 -2.05 -20.83 5.34
CA PHE A 329 -2.09 -20.13 4.05
C PHE A 329 -2.52 -18.68 4.08
N ASP A 330 -2.97 -18.21 5.21
CA ASP A 330 -3.25 -16.80 5.40
C ASP A 330 -2.02 -15.95 5.05
N PRO A 331 -2.04 -15.09 3.99
CA PRO A 331 -0.93 -14.18 3.70
C PRO A 331 -0.44 -13.31 4.87
N ARG A 332 -1.26 -13.19 5.91
CA ARG A 332 -0.86 -12.35 7.02
C ARG A 332 0.20 -13.08 7.83
N VAL A 333 0.27 -14.40 7.67
CA VAL A 333 1.26 -15.17 8.38
C VAL A 333 2.48 -15.37 7.49
N TRP A 334 2.27 -15.55 6.19
CA TRP A 334 3.45 -15.94 5.44
C TRP A 334 4.19 -14.77 4.79
N VAL A 335 3.51 -13.67 4.48
CA VAL A 335 4.28 -12.53 4.02
C VAL A 335 4.98 -11.86 5.20
N ARG A 336 4.46 -12.02 6.42
CA ARG A 336 5.12 -11.44 7.59
C ARG A 336 6.50 -12.07 7.81
N GLU A 337 6.69 -13.35 7.40
CA GLU A 337 7.99 -14.01 7.50
C GLU A 337 9.00 -13.25 6.64
N GLY A 338 8.60 -12.93 5.40
CA GLY A 338 9.48 -12.23 4.47
C GLY A 338 9.88 -10.83 4.94
N GLU A 339 8.90 -10.05 5.40
CA GLU A 339 9.11 -8.70 5.85
C GLU A 339 10.11 -8.72 6.99
N LYS A 340 10.12 -9.84 7.73
CA LYS A 340 10.98 -10.01 8.89
C LYS A 340 12.43 -10.19 8.42
N THR A 341 12.62 -11.09 7.46
CA THR A 341 13.95 -11.35 6.91
C THR A 341 14.52 -10.11 6.22
N MET A 342 13.66 -9.40 5.48
CA MET A 342 14.11 -8.21 4.83
C MET A 342 14.43 -7.18 5.91
N SER A 343 13.59 -7.10 6.94
CA SER A 343 13.82 -6.17 8.03
C SER A 343 15.17 -6.41 8.70
N LYS A 344 15.50 -7.69 8.92
CA LYS A 344 16.78 -8.09 9.51
C LYS A 344 17.92 -7.55 8.66
N ARG A 345 17.85 -7.81 7.36
CA ARG A 345 18.91 -7.42 6.43
C ARG A 345 19.01 -5.90 6.32
N ILE A 346 17.89 -5.19 6.39
CA ILE A 346 17.94 -3.74 6.50
C ILE A 346 18.64 -3.33 7.80
N ALA A 347 18.47 -4.13 8.86
CA ALA A 347 19.07 -3.90 10.16
C ALA A 347 20.60 -4.01 10.06
N GLU A 348 21.06 -5.16 9.58
CA GLU A 348 22.48 -5.38 9.39
C GLU A 348 23.09 -4.14 8.75
N ALA A 349 22.49 -3.69 7.65
CA ALA A 349 23.07 -2.66 6.80
C ALA A 349 22.98 -1.30 7.47
N LEU A 350 22.00 -1.09 8.35
CA LEU A 350 21.96 0.22 8.99
C LEU A 350 22.91 0.23 10.19
N ASP A 351 23.31 -0.97 10.63
CA ASP A 351 24.42 -1.02 11.56
C ASP A 351 25.71 -0.66 10.84
N ILE A 352 26.14 -1.51 9.89
CA ILE A 352 27.41 -1.33 9.18
C ILE A 352 27.58 0.11 8.69
N PHE A 353 26.48 0.84 8.43
CA PHE A 353 26.54 2.23 8.00
C PHE A 353 26.62 3.14 9.21
N HIS A 354 26.63 2.52 10.40
CA HIS A 354 26.74 3.26 11.64
C HIS A 354 25.61 4.29 11.73
N THR A 355 24.40 3.87 11.36
CA THR A 355 23.23 4.74 11.48
C THR A 355 22.31 4.26 12.60
N LYS A 356 22.57 3.04 13.12
CA LYS A 356 21.79 2.49 14.21
C LYS A 356 21.98 3.26 15.51
N GLY A 357 21.00 4.09 15.86
CA GLY A 357 20.97 4.76 17.16
C GLY A 357 21.46 6.21 17.07
N GLN A 358 20.72 7.02 16.34
CA GLN A 358 21.02 8.44 16.29
C GLN A 358 19.79 9.23 16.67
N LEU A 359 18.87 8.56 17.37
CA LEU A 359 17.64 9.20 17.81
C LEU A 359 17.56 9.17 19.34
N PRO B 3 -29.43 3.41 -15.78
CA PRO B 3 -28.05 3.53 -15.26
C PRO B 3 -27.74 4.88 -14.63
N PRO B 4 -27.36 4.92 -13.32
CA PRO B 4 -26.97 6.16 -12.64
C PRO B 4 -25.59 6.66 -13.04
N ALA B 5 -25.09 7.64 -12.29
CA ALA B 5 -23.79 8.24 -12.58
C ALA B 5 -22.65 7.27 -12.33
N VAL B 6 -22.82 6.37 -11.35
CA VAL B 6 -21.75 5.56 -10.79
C VAL B 6 -21.14 4.64 -11.84
N LEU B 7 -21.99 3.99 -12.66
CA LEU B 7 -21.54 2.96 -13.58
C LEU B 7 -20.46 3.49 -14.51
N SER B 8 -20.32 4.82 -14.59
CA SER B 8 -19.36 5.41 -15.50
C SER B 8 -18.24 6.09 -14.73
N LYS B 9 -18.28 5.99 -13.41
CA LYS B 9 -17.35 6.60 -12.50
C LYS B 9 -16.09 5.82 -12.31
N SER B 10 -15.07 6.50 -11.86
CA SER B 10 -13.76 5.92 -11.65
C SER B 10 -13.13 6.29 -10.34
N GLY B 11 -13.02 5.33 -9.45
CA GLY B 11 -12.35 5.53 -8.17
C GLY B 11 -13.28 5.15 -7.03
N VAL B 12 -12.95 5.55 -5.80
CA VAL B 12 -13.88 5.27 -4.72
C VAL B 12 -15.03 6.26 -4.75
N ILE B 13 -16.22 5.80 -4.34
CA ILE B 13 -17.46 6.53 -4.48
C ILE B 13 -18.01 6.78 -3.08
N TYR B 14 -18.90 7.77 -2.96
CA TYR B 14 -19.48 8.14 -1.67
C TYR B 14 -20.94 8.56 -1.81
N GLY B 15 -21.54 8.81 -0.63
CA GLY B 15 -22.90 9.31 -0.50
C GLY B 15 -23.91 8.59 -1.40
N LYS B 16 -24.78 9.40 -2.04
CA LYS B 16 -25.93 8.94 -2.81
C LYS B 16 -25.46 7.95 -3.87
N ASP B 17 -24.21 8.15 -4.33
CA ASP B 17 -23.63 7.37 -5.40
C ASP B 17 -23.56 5.90 -4.98
N VAL B 18 -23.12 5.68 -3.74
CA VAL B 18 -23.10 4.35 -3.15
C VAL B 18 -24.49 3.75 -3.31
N LYS B 19 -25.50 4.47 -2.82
CA LYS B 19 -26.87 4.02 -2.84
C LYS B 19 -27.33 3.67 -4.25
N ASP B 20 -27.05 4.58 -5.19
CA ASP B 20 -27.41 4.34 -6.58
C ASP B 20 -26.90 2.95 -6.99
N LEU B 21 -25.59 2.74 -6.80
CA LEU B 21 -24.93 1.48 -7.14
C LEU B 21 -25.72 0.32 -6.56
N PHE B 22 -26.00 0.35 -5.25
CA PHE B 22 -26.73 -0.74 -4.63
C PHE B 22 -28.11 -0.86 -5.27
N ASP B 23 -28.75 0.29 -5.53
CA ASP B 23 -30.08 0.29 -6.12
C ASP B 23 -29.97 -0.40 -7.47
N TYR B 24 -28.99 0.05 -8.25
CA TYR B 24 -28.76 -0.60 -9.53
C TYR B 24 -28.63 -2.10 -9.29
N ALA B 25 -27.86 -2.48 -8.26
CA ALA B 25 -27.50 -3.88 -8.06
C ALA B 25 -28.76 -4.74 -7.96
N GLN B 26 -29.66 -4.28 -7.07
CA GLN B 26 -30.95 -4.90 -6.83
C GLN B 26 -31.72 -4.94 -8.14
N GLU B 27 -31.76 -3.80 -8.85
CA GLU B 27 -32.54 -3.71 -10.07
C GLU B 27 -32.12 -4.80 -11.05
N LYS B 28 -30.85 -4.84 -11.46
CA LYS B 28 -30.45 -5.76 -12.52
C LYS B 28 -30.20 -7.17 -11.95
N GLY B 29 -30.19 -7.30 -10.61
CA GLY B 29 -30.12 -8.60 -9.97
C GLY B 29 -28.72 -9.22 -10.01
N PHE B 30 -27.73 -8.44 -9.53
CA PHE B 30 -26.42 -8.99 -9.27
C PHE B 30 -26.03 -8.57 -7.85
N ALA B 31 -25.03 -9.26 -7.27
CA ALA B 31 -24.43 -8.76 -6.05
C ALA B 31 -22.96 -8.44 -6.31
N ILE B 32 -22.36 -7.65 -5.41
CA ILE B 32 -21.02 -7.13 -5.61
C ILE B 32 -20.09 -7.81 -4.60
N PRO B 33 -18.98 -8.42 -5.02
CA PRO B 33 -18.04 -9.00 -4.05
C PRO B 33 -17.34 -7.90 -3.24
N ALA B 34 -17.27 -8.13 -1.92
CA ALA B 34 -16.46 -7.33 -1.03
C ALA B 34 -15.28 -8.21 -0.62
N ILE B 35 -14.07 -7.79 -1.02
CA ILE B 35 -12.83 -8.53 -0.91
C ILE B 35 -12.05 -7.93 0.25
N ASN B 36 -11.48 -8.75 1.11
CA ASN B 36 -10.69 -8.22 2.18
C ASN B 36 -9.32 -8.04 1.63
N VAL B 37 -8.64 -7.00 2.05
CA VAL B 37 -7.35 -6.71 1.47
C VAL B 37 -6.39 -6.50 2.64
N THR B 38 -5.11 -6.75 2.42
CA THR B 38 -4.14 -6.67 3.50
C THR B 38 -2.87 -5.94 3.01
N SER B 39 -2.78 -5.74 1.70
CA SER B 39 -1.58 -5.13 1.17
C SER B 39 -1.91 -4.37 -0.11
N SER B 40 -0.98 -3.50 -0.52
CA SER B 40 -1.16 -2.79 -1.77
C SER B 40 -1.37 -3.83 -2.85
N SER B 41 -0.57 -4.88 -2.78
CA SER B 41 -0.58 -5.94 -3.78
C SER B 41 -1.98 -6.54 -3.88
N THR B 42 -2.57 -6.90 -2.73
CA THR B 42 -3.87 -7.56 -2.73
C THR B 42 -4.95 -6.59 -3.20
N VAL B 43 -4.74 -5.30 -2.89
CA VAL B 43 -5.63 -4.27 -3.37
C VAL B 43 -5.61 -4.30 -4.88
N VAL B 44 -4.40 -4.30 -5.46
CA VAL B 44 -4.20 -4.28 -6.90
C VAL B 44 -4.97 -5.45 -7.49
N ALA B 45 -4.67 -6.63 -6.93
CA ALA B 45 -5.18 -7.92 -7.35
C ALA B 45 -6.69 -7.80 -7.62
N ALA B 46 -7.40 -7.20 -6.67
CA ALA B 46 -8.85 -7.10 -6.78
C ALA B 46 -9.26 -5.96 -7.71
N LEU B 47 -8.48 -4.87 -7.71
CA LEU B 47 -8.93 -3.75 -8.53
C LEU B 47 -8.83 -4.18 -9.99
N GLU B 48 -7.75 -4.88 -10.30
CA GLU B 48 -7.49 -5.35 -11.65
C GLU B 48 -8.58 -6.34 -12.02
N ALA B 49 -8.98 -7.21 -11.10
CA ALA B 49 -9.97 -8.19 -11.46
C ALA B 49 -11.23 -7.45 -11.90
N ALA B 50 -11.61 -6.46 -11.10
CA ALA B 50 -12.84 -5.77 -11.39
C ALA B 50 -12.74 -5.04 -12.72
N ARG B 51 -11.62 -4.44 -13.04
CA ARG B 51 -11.52 -3.70 -14.25
C ARG B 51 -11.47 -4.58 -15.44
N ASP B 52 -10.92 -5.75 -15.25
CA ASP B 52 -10.77 -6.65 -16.37
C ASP B 52 -12.13 -7.25 -16.71
N ASN B 53 -13.04 -7.29 -15.72
CA ASN B 53 -14.31 -7.97 -15.90
C ASN B 53 -15.47 -6.97 -15.93
N LYS B 54 -15.13 -5.69 -16.17
CA LYS B 54 -16.08 -4.58 -16.24
C LYS B 54 -17.09 -4.71 -15.12
N ALA B 55 -16.60 -4.64 -13.87
CA ALA B 55 -17.48 -4.75 -12.71
C ALA B 55 -17.00 -3.78 -11.64
N PRO B 56 -17.95 -3.20 -10.86
CA PRO B 56 -17.59 -2.39 -9.71
C PRO B 56 -17.23 -3.39 -8.61
N ILE B 57 -16.68 -2.87 -7.51
CA ILE B 57 -16.17 -3.73 -6.46
C ILE B 57 -16.25 -2.99 -5.13
N ILE B 58 -16.32 -3.75 -4.05
CA ILE B 58 -16.27 -3.27 -2.71
C ILE B 58 -14.95 -3.82 -2.20
N LEU B 59 -14.16 -3.02 -1.54
CA LEU B 59 -12.92 -3.49 -1.01
C LEU B 59 -12.99 -3.14 0.42
N GLN B 60 -12.85 -4.10 1.29
CA GLN B 60 -12.92 -3.84 2.70
C GLN B 60 -11.74 -4.34 3.46
N THR B 61 -11.51 -3.78 4.62
CA THR B 61 -10.42 -4.22 5.46
C THR B 61 -10.95 -4.57 6.82
N SER B 62 -10.59 -5.73 7.32
CA SER B 62 -11.01 -6.13 8.63
C SER B 62 -10.08 -5.56 9.65
N GLN B 63 -10.43 -5.75 10.90
CA GLN B 63 -9.63 -5.16 11.96
C GLN B 63 -8.19 -5.67 11.87
N GLY B 64 -8.04 -6.97 11.61
CA GLY B 64 -6.73 -7.55 11.41
C GLY B 64 -6.06 -7.06 10.13
N GLY B 65 -6.82 -7.12 9.03
CA GLY B 65 -6.38 -6.61 7.74
C GLY B 65 -5.78 -5.21 7.87
N ALA B 66 -6.60 -4.31 8.44
CA ALA B 66 -6.29 -2.92 8.70
C ALA B 66 -4.97 -2.82 9.49
N ALA B 67 -4.85 -3.69 10.49
CA ALA B 67 -3.69 -3.68 11.35
C ALA B 67 -2.47 -4.09 10.52
N TYR B 68 -2.69 -4.99 9.57
CA TYR B 68 -1.60 -5.42 8.70
C TYR B 68 -1.15 -4.29 7.76
N PHE B 69 -2.11 -3.56 7.19
CA PHE B 69 -1.74 -2.40 6.39
C PHE B 69 -0.80 -1.54 7.19
N ALA B 70 -0.91 -1.60 8.52
CA ALA B 70 -0.14 -0.71 9.39
C ALA B 70 1.26 -1.28 9.59
N GLY B 71 1.32 -2.62 9.65
CA GLY B 71 2.51 -3.36 10.02
C GLY B 71 2.26 -4.20 11.27
N LYS B 72 2.63 -5.48 11.24
CA LYS B 72 2.30 -6.36 12.34
C LYS B 72 3.20 -6.08 13.54
N GLY B 73 4.02 -5.03 13.45
CA GLY B 73 5.02 -4.72 14.46
C GLY B 73 4.63 -3.50 15.27
N VAL B 74 3.48 -2.91 14.94
CA VAL B 74 2.88 -1.85 15.72
C VAL B 74 1.94 -2.56 16.68
N ASP B 75 1.92 -2.18 17.97
CA ASP B 75 1.08 -2.85 18.96
C ASP B 75 -0.34 -2.29 18.86
N ASN B 76 -1.32 -3.11 19.27
CA ASN B 76 -2.71 -2.77 19.02
C ASN B 76 -3.51 -2.67 20.32
N LYS B 77 -2.82 -2.42 21.43
CA LYS B 77 -3.40 -2.47 22.76
C LYS B 77 -4.50 -1.43 22.94
N ASP B 78 -4.62 -0.49 22.00
CA ASP B 78 -5.62 0.58 22.09
C ASP B 78 -6.25 0.82 20.73
N GLN B 79 -6.00 -0.12 19.81
CA GLN B 79 -6.54 -0.12 18.45
C GLN B 79 -5.68 0.72 17.50
N ALA B 80 -4.48 1.12 17.93
CA ALA B 80 -3.71 2.10 17.17
C ALA B 80 -3.41 1.57 15.77
N ALA B 81 -3.07 0.29 15.68
CA ALA B 81 -2.62 -0.32 14.43
C ALA B 81 -3.73 -0.31 13.37
N SER B 82 -4.95 -0.65 13.77
CA SER B 82 -6.06 -0.70 12.84
C SER B 82 -6.47 0.70 12.38
N ILE B 83 -6.25 1.71 13.22
CA ILE B 83 -6.66 3.06 12.82
C ILE B 83 -5.64 3.63 11.83
N ALA B 84 -4.35 3.48 12.16
CA ALA B 84 -3.26 3.90 11.30
C ALA B 84 -3.38 3.19 9.96
N GLY B 85 -3.20 1.86 10.01
CA GLY B 85 -3.37 0.97 8.87
C GLY B 85 -4.60 1.33 8.04
N SER B 86 -5.78 1.35 8.68
CA SER B 86 -7.02 1.61 7.99
C SER B 86 -6.93 2.91 7.21
N ILE B 87 -6.40 3.97 7.84
CA ILE B 87 -6.43 5.27 7.16
C ILE B 87 -5.40 5.31 6.03
N ALA B 88 -4.28 4.60 6.18
CA ALA B 88 -3.25 4.58 5.16
C ALA B 88 -3.76 3.83 3.92
N ALA B 89 -4.43 2.70 4.17
CA ALA B 89 -5.11 1.91 3.15
C ALA B 89 -6.12 2.78 2.41
N ALA B 90 -6.97 3.50 3.15
CA ALA B 90 -7.92 4.44 2.56
C ALA B 90 -7.23 5.46 1.64
N HIS B 91 -6.06 5.96 2.04
CA HIS B 91 -5.35 6.90 1.18
C HIS B 91 -4.89 6.23 -0.11
N TYR B 92 -4.12 5.13 0.06
CA TYR B 92 -3.59 4.35 -1.03
C TYR B 92 -4.72 3.92 -1.96
N ILE B 93 -5.71 3.20 -1.42
CA ILE B 93 -6.87 2.84 -2.22
C ILE B 93 -7.45 4.04 -3.00
N ARG B 94 -7.64 5.17 -2.31
CA ARG B 94 -8.20 6.35 -2.93
C ARG B 94 -7.34 6.84 -4.10
N ALA B 95 -6.00 6.76 -3.89
CA ALA B 95 -5.05 7.29 -4.85
C ALA B 95 -5.01 6.42 -6.11
N ILE B 96 -5.20 5.10 -5.96
CA ILE B 96 -4.87 4.26 -7.10
C ILE B 96 -6.14 3.88 -7.83
N ALA B 97 -7.25 3.89 -7.08
CA ALA B 97 -8.47 3.31 -7.56
C ALA B 97 -8.88 3.91 -8.90
N PRO B 98 -8.87 5.23 -9.02
CA PRO B 98 -9.21 5.97 -10.22
C PRO B 98 -8.55 5.46 -11.45
N THR B 99 -7.39 4.86 -11.30
CA THR B 99 -6.60 4.37 -12.41
C THR B 99 -7.17 3.18 -13.11
N TYR B 100 -7.99 2.43 -12.42
CA TYR B 100 -8.73 1.36 -12.99
C TYR B 100 -10.02 2.01 -13.45
N GLY B 101 -10.69 1.46 -14.43
CA GLY B 101 -11.87 2.13 -14.94
C GLY B 101 -13.13 2.19 -14.12
N ILE B 102 -13.17 1.45 -13.03
CA ILE B 102 -14.34 1.26 -12.19
C ILE B 102 -14.58 2.03 -10.94
N PRO B 103 -15.80 1.93 -10.42
CA PRO B 103 -16.19 2.56 -9.16
C PRO B 103 -16.01 1.62 -7.96
N VAL B 104 -15.45 2.16 -6.88
CA VAL B 104 -15.03 1.30 -5.78
C VAL B 104 -15.74 1.72 -4.49
N VAL B 105 -16.13 0.82 -3.60
CA VAL B 105 -16.67 1.16 -2.30
C VAL B 105 -15.66 0.77 -1.26
N LEU B 106 -15.04 1.72 -0.58
CA LEU B 106 -14.08 1.44 0.47
C LEU B 106 -14.83 1.24 1.76
N HIS B 107 -14.75 0.06 2.34
CA HIS B 107 -15.49 -0.36 3.50
C HIS B 107 -14.56 -0.96 4.57
N THR B 108 -15.04 -1.19 5.79
CA THR B 108 -14.30 -1.87 6.84
C THR B 108 -15.21 -3.01 7.35
N ASP B 109 -14.67 -4.18 7.61
CA ASP B 109 -15.45 -5.32 8.06
C ASP B 109 -15.80 -5.33 9.56
N HIS B 110 -16.33 -6.46 10.03
CA HIS B 110 -16.79 -6.75 11.37
C HIS B 110 -16.18 -5.96 12.49
N CYS B 111 -16.99 -5.13 13.11
CA CYS B 111 -16.57 -4.35 14.25
C CYS B 111 -17.55 -4.58 15.36
N ALA B 112 -17.07 -5.28 16.36
CA ALA B 112 -17.85 -5.59 17.55
C ALA B 112 -17.74 -4.47 18.58
N LYS B 113 -18.41 -4.63 19.71
CA LYS B 113 -18.35 -3.67 20.77
C LYS B 113 -16.94 -3.65 21.28
N LYS B 114 -16.39 -4.83 21.53
CA LYS B 114 -15.04 -5.00 22.03
C LYS B 114 -14.02 -4.14 21.26
N LEU B 115 -14.31 -3.83 19.98
CA LEU B 115 -13.36 -3.21 19.07
C LEU B 115 -13.80 -1.80 18.69
N LEU B 116 -14.72 -1.23 19.46
CA LEU B 116 -15.32 0.05 19.09
C LEU B 116 -14.28 1.18 18.96
N PRO B 117 -13.18 1.20 19.76
CA PRO B 117 -12.12 2.19 19.58
C PRO B 117 -11.71 2.40 18.12
N TRP B 118 -11.50 1.31 17.40
CA TRP B 118 -11.13 1.37 16.00
C TRP B 118 -12.16 2.14 15.24
N PHE B 119 -13.41 1.81 15.41
CA PHE B 119 -14.49 2.50 14.73
C PHE B 119 -14.45 3.99 15.08
N ASP B 120 -13.95 4.32 16.28
CA ASP B 120 -13.83 5.71 16.70
C ASP B 120 -12.79 6.42 15.85
N GLY B 121 -11.55 5.89 15.88
CA GLY B 121 -10.42 6.40 15.13
C GLY B 121 -10.80 6.73 13.67
N MET B 122 -11.30 5.71 12.99
CA MET B 122 -11.71 5.81 11.60
C MET B 122 -12.74 6.92 11.41
N LEU B 123 -13.75 6.98 12.27
CA LEU B 123 -14.77 8.02 12.09
C LEU B 123 -14.28 9.40 12.50
N LYS B 124 -13.20 9.41 13.31
CA LYS B 124 -12.48 10.62 13.67
C LYS B 124 -11.97 11.29 12.41
N ALA B 125 -11.19 10.52 11.62
CA ALA B 125 -10.60 10.92 10.34
C ALA B 125 -11.68 11.27 9.32
N ASP B 126 -12.74 10.46 9.29
CA ASP B 126 -13.81 10.70 8.35
C ASP B 126 -14.26 12.16 8.46
N GLU B 127 -14.53 12.58 9.70
CA GLU B 127 -15.13 13.87 9.97
C GLU B 127 -14.20 15.01 9.51
N GLU B 128 -12.90 14.89 9.82
CA GLU B 128 -11.95 15.93 9.47
C GLU B 128 -11.61 15.88 7.99
N PHE B 129 -11.64 14.68 7.40
CA PHE B 129 -11.52 14.58 5.96
C PHE B 129 -12.69 15.33 5.33
N PHE B 130 -13.91 15.08 5.84
CA PHE B 130 -15.09 15.77 5.34
C PHE B 130 -14.97 17.28 5.53
N ALA B 131 -14.26 17.71 6.58
CA ALA B 131 -14.09 19.13 6.89
C ALA B 131 -13.16 19.78 5.86
N LYS B 132 -12.48 18.97 5.04
CA LYS B 132 -11.45 19.50 4.15
C LYS B 132 -11.83 19.27 2.68
N THR B 133 -12.54 18.18 2.40
CA THR B 133 -12.69 17.73 1.02
C THR B 133 -14.16 17.74 0.59
N GLY B 134 -15.07 17.67 1.55
CA GLY B 134 -16.49 17.53 1.26
C GLY B 134 -16.87 16.05 1.16
N THR B 135 -15.94 15.19 1.62
CA THR B 135 -16.09 13.75 1.46
C THR B 135 -15.33 12.99 2.55
N PRO B 136 -15.92 11.93 3.13
CA PRO B 136 -15.22 11.13 4.14
C PRO B 136 -14.08 10.31 3.52
N LEU B 137 -13.26 9.72 4.40
CA LEU B 137 -12.16 8.85 3.99
C LEU B 137 -12.71 7.58 3.37
N PHE B 138 -13.43 6.78 4.16
CA PHE B 138 -14.01 5.51 3.73
C PHE B 138 -15.36 5.75 3.07
N SER B 139 -15.79 4.83 2.20
CA SER B 139 -17.16 4.84 1.68
C SER B 139 -18.16 4.38 2.74
N SER B 140 -17.87 3.26 3.39
CA SER B 140 -18.72 2.78 4.44
C SER B 140 -17.96 2.14 5.59
N HIS B 141 -18.68 1.67 6.60
CA HIS B 141 -18.10 1.07 7.78
C HIS B 141 -19.08 0.07 8.30
N MET B 142 -18.64 -0.88 9.09
CA MET B 142 -19.54 -1.86 9.60
C MET B 142 -19.44 -2.00 11.08
N LEU B 143 -20.58 -2.21 11.73
CA LEU B 143 -20.65 -2.57 13.14
C LEU B 143 -21.21 -3.97 13.24
N ASP B 144 -20.58 -4.78 14.10
CA ASP B 144 -21.06 -6.12 14.38
C ASP B 144 -21.31 -6.19 15.89
N LEU B 145 -22.51 -5.83 16.27
CA LEU B 145 -22.88 -5.83 17.63
C LEU B 145 -23.98 -6.82 17.75
N SER B 146 -23.84 -7.96 17.10
CA SER B 146 -24.89 -8.95 17.18
C SER B 146 -24.81 -9.84 18.36
N GLU B 147 -23.75 -9.73 19.13
CA GLU B 147 -23.59 -10.50 20.34
C GLU B 147 -24.15 -9.74 21.52
N GLU B 148 -24.64 -8.54 21.30
CA GLU B 148 -25.23 -7.75 22.34
C GLU B 148 -26.72 -7.88 22.22
N THR B 149 -27.48 -6.93 22.73
CA THR B 149 -28.90 -7.06 22.66
C THR B 149 -29.46 -6.19 21.59
N ASP B 150 -30.43 -6.73 20.88
CA ASP B 150 -31.06 -6.08 19.77
C ASP B 150 -31.41 -4.65 20.01
N ASP B 151 -31.84 -4.33 21.21
CA ASP B 151 -32.21 -2.97 21.49
C ASP B 151 -30.99 -2.12 21.78
N GLU B 152 -29.91 -2.75 22.18
CA GLU B 152 -28.71 -2.01 22.46
C GLU B 152 -28.03 -1.79 21.14
N ASN B 153 -27.93 -2.90 20.44
CA ASN B 153 -27.36 -2.99 19.12
C ASN B 153 -27.82 -1.88 18.22
N ILE B 154 -29.12 -1.65 18.09
CA ILE B 154 -29.54 -0.53 17.26
C ILE B 154 -29.36 0.81 17.95
N ALA B 155 -29.13 0.86 19.25
CA ALA B 155 -28.94 2.13 19.90
C ALA B 155 -27.53 2.60 19.65
N THR B 156 -26.61 1.68 19.41
CA THR B 156 -25.26 2.08 19.12
C THR B 156 -25.11 2.37 17.64
N CYS B 157 -25.93 1.75 16.83
CA CYS B 157 -25.89 1.97 15.42
C CYS B 157 -26.52 3.28 15.13
N ALA B 158 -27.54 3.61 15.90
CA ALA B 158 -28.25 4.84 15.67
C ALA B 158 -27.36 6.00 15.91
N LYS B 159 -26.85 6.10 17.12
CA LYS B 159 -26.04 7.24 17.55
C LYS B 159 -24.88 7.46 16.58
N TYR B 160 -24.27 6.36 16.13
CA TYR B 160 -23.20 6.38 15.15
C TYR B 160 -23.75 6.86 13.80
N PHE B 161 -24.90 6.31 13.40
CA PHE B 161 -25.42 6.52 12.06
C PHE B 161 -25.88 7.96 11.85
N GLU B 162 -26.03 8.73 12.95
CA GLU B 162 -26.38 10.14 12.79
C GLU B 162 -25.11 10.99 12.78
N ARG B 163 -24.01 10.45 13.34
CA ARG B 163 -22.72 11.09 13.11
C ARG B 163 -22.34 10.89 11.65
N MET B 164 -22.62 9.68 11.14
CA MET B 164 -22.23 9.26 9.82
C MET B 164 -23.02 10.02 8.74
N ALA B 165 -24.33 10.22 8.93
CA ALA B 165 -25.21 10.74 7.89
C ALA B 165 -24.84 12.18 7.49
N LYS B 166 -24.05 12.86 8.33
CA LYS B 166 -23.59 14.23 8.10
C LYS B 166 -22.66 14.27 6.89
N MET B 167 -22.05 13.12 6.60
CA MET B 167 -21.10 13.00 5.49
C MET B 167 -21.63 12.01 4.44
N GLY B 168 -22.92 11.66 4.58
CA GLY B 168 -23.64 10.73 3.71
C GLY B 168 -22.98 9.36 3.64
N GLN B 169 -22.28 8.99 4.73
CA GLN B 169 -21.57 7.72 4.79
C GLN B 169 -22.59 6.59 4.81
N TRP B 170 -22.16 5.41 4.38
CA TRP B 170 -22.99 4.21 4.40
C TRP B 170 -22.62 3.38 5.63
N LEU B 171 -23.61 2.75 6.25
CA LEU B 171 -23.31 1.87 7.37
C LEU B 171 -24.03 0.53 7.19
N GLU B 172 -23.30 -0.53 7.48
CA GLU B 172 -23.80 -1.88 7.46
C GLU B 172 -23.69 -2.41 8.86
N MET B 173 -24.69 -3.08 9.34
CA MET B 173 -24.72 -3.62 10.66
C MET B 173 -25.22 -5.03 10.57
N GLU B 174 -24.74 -5.92 11.41
CA GLU B 174 -25.15 -7.30 11.38
C GLU B 174 -25.99 -7.62 12.57
N ILE B 175 -27.05 -8.40 12.40
CA ILE B 175 -27.89 -8.77 13.51
C ILE B 175 -28.11 -10.25 13.48
N GLY B 176 -28.21 -10.84 14.67
CA GLY B 176 -28.40 -12.26 14.81
C GLY B 176 -29.44 -12.55 15.84
N ILE B 177 -29.48 -13.80 16.25
CA ILE B 177 -30.44 -14.32 17.21
C ILE B 177 -30.12 -14.17 18.70
N THR B 178 -30.08 -12.96 19.23
CA THR B 178 -29.83 -12.84 20.65
C THR B 178 -30.85 -12.00 21.37
N GLY B 179 -30.64 -10.71 21.40
CA GLY B 179 -31.50 -9.79 22.12
C GLY B 179 -32.98 -9.70 21.86
N GLY B 180 -33.65 -8.99 22.76
CA GLY B 180 -35.08 -8.78 22.72
C GLY B 180 -35.48 -7.82 23.80
N LEU B 195 -31.64 -21.42 15.19
CA LEU B 195 -32.52 -20.24 15.04
C LEU B 195 -32.02 -19.34 13.92
N TYR B 196 -32.88 -18.41 13.52
CA TYR B 196 -32.59 -17.41 12.50
C TYR B 196 -33.21 -16.09 12.96
N THR B 197 -32.89 -14.98 12.26
CA THR B 197 -33.41 -13.68 12.63
C THR B 197 -34.80 -13.51 12.01
N SER B 198 -35.71 -12.92 12.81
CA SER B 198 -37.12 -12.73 12.48
C SER B 198 -37.28 -11.54 11.55
N PRO B 199 -38.18 -11.63 10.53
CA PRO B 199 -38.51 -10.46 9.70
C PRO B 199 -38.80 -9.21 10.54
N GLU B 200 -39.21 -9.42 11.80
CA GLU B 200 -39.59 -8.34 12.69
C GLU B 200 -38.34 -7.58 13.14
N THR B 201 -37.32 -8.33 13.61
CA THR B 201 -36.10 -7.73 14.15
C THR B 201 -35.36 -6.99 13.04
N VAL B 202 -35.48 -7.47 11.80
CA VAL B 202 -34.93 -6.74 10.65
C VAL B 202 -35.70 -5.42 10.52
N PHE B 203 -37.04 -5.51 10.57
CA PHE B 203 -37.82 -4.32 10.35
C PHE B 203 -37.61 -3.34 11.50
N ALA B 204 -37.26 -3.87 12.66
CA ALA B 204 -36.98 -3.01 13.80
C ALA B 204 -35.78 -2.13 13.50
N VAL B 205 -34.73 -2.70 12.97
CA VAL B 205 -33.53 -1.96 12.64
C VAL B 205 -33.77 -0.93 11.53
N TYR B 206 -34.49 -1.31 10.49
CA TYR B 206 -34.81 -0.35 9.44
C TYR B 206 -35.68 0.80 9.96
N GLU B 207 -36.54 0.49 10.93
CA GLU B 207 -37.50 1.42 11.50
C GLU B 207 -36.73 2.48 12.29
N SER B 208 -35.69 2.06 12.97
CA SER B 208 -34.97 3.00 13.78
C SER B 208 -33.81 3.64 13.11
N LEU B 209 -33.53 3.28 11.87
CA LEU B 209 -32.37 3.85 11.21
C LEU B 209 -32.78 4.67 10.00
N HIS B 210 -33.88 4.28 9.35
CA HIS B 210 -34.32 4.93 8.12
C HIS B 210 -34.76 6.37 8.34
N LYS B 211 -35.10 6.71 9.59
CA LYS B 211 -35.50 8.06 9.94
C LYS B 211 -34.32 9.02 9.78
N ILE B 212 -33.11 8.49 10.05
CA ILE B 212 -31.86 9.23 9.98
C ILE B 212 -31.42 9.42 8.52
N SER B 213 -31.02 8.33 7.87
CA SER B 213 -30.52 8.36 6.51
C SER B 213 -30.89 7.05 5.81
N PRO B 214 -31.02 6.96 4.47
CA PRO B 214 -31.34 5.67 3.84
C PRO B 214 -30.08 4.85 3.56
N ASN B 215 -28.93 5.36 4.00
CA ASN B 215 -27.61 4.83 3.67
C ASN B 215 -27.20 3.81 4.73
N PHE B 216 -27.90 2.68 4.77
CA PHE B 216 -27.62 1.60 5.70
C PHE B 216 -28.00 0.27 5.04
N SER B 217 -27.23 -0.79 5.40
CA SER B 217 -27.50 -2.15 4.98
C SER B 217 -27.39 -3.12 6.18
N ILE B 218 -28.04 -4.29 6.05
CA ILE B 218 -28.19 -5.20 7.17
C ILE B 218 -27.63 -6.56 6.79
N ALA B 219 -26.94 -7.15 7.77
CA ALA B 219 -26.43 -8.52 7.75
C ALA B 219 -27.21 -9.35 8.74
N ALA B 220 -28.15 -10.16 8.24
CA ALA B 220 -29.02 -10.94 9.11
C ALA B 220 -28.53 -12.38 9.24
N ALA B 221 -28.88 -13.02 10.36
CA ALA B 221 -28.59 -14.45 10.54
C ALA B 221 -29.58 -15.29 9.75
N PHE B 222 -29.08 -16.22 8.92
CA PHE B 222 -29.98 -17.04 8.09
C PHE B 222 -29.35 -18.39 7.73
N GLY B 223 -28.57 -18.96 8.67
CA GLY B 223 -27.91 -20.25 8.50
C GLY B 223 -26.53 -20.12 7.84
N ASN B 224 -25.75 -19.13 8.27
CA ASN B 224 -24.45 -18.80 7.71
C ASN B 224 -23.53 -18.41 8.87
N VAL B 225 -22.72 -19.35 9.35
CA VAL B 225 -21.99 -19.06 10.58
C VAL B 225 -20.59 -18.55 10.26
N HIS B 226 -20.10 -17.64 11.12
CA HIS B 226 -18.79 -17.03 10.94
C HIS B 226 -18.05 -16.78 12.28
N ASN B 233 -27.15 -29.19 11.22
CA ASN B 233 -27.37 -28.50 12.52
C ASN B 233 -27.99 -27.12 12.30
N VAL B 234 -27.38 -26.34 11.39
CA VAL B 234 -27.85 -25.01 11.01
C VAL B 234 -27.66 -24.88 9.50
N GLN B 235 -28.73 -25.10 8.74
CA GLN B 235 -28.63 -25.13 7.29
C GLN B 235 -28.97 -23.73 6.75
N LEU B 236 -28.44 -23.40 5.56
CA LEU B 236 -28.59 -22.07 4.99
C LEU B 236 -29.98 -21.96 4.37
N ARG B 237 -30.73 -20.94 4.80
CA ARG B 237 -32.07 -20.68 4.28
C ARG B 237 -32.12 -19.27 3.69
N PRO B 238 -31.65 -19.08 2.44
CA PRO B 238 -31.65 -17.77 1.81
C PRO B 238 -33.08 -17.22 1.61
N GLU B 239 -34.06 -18.13 1.60
CA GLU B 239 -35.45 -17.76 1.38
C GLU B 239 -35.94 -16.81 2.46
N ILE B 240 -35.37 -16.93 3.67
CA ILE B 240 -35.73 -16.08 4.80
C ILE B 240 -35.52 -14.62 4.46
N LEU B 241 -34.48 -14.31 3.68
CA LEU B 241 -34.25 -12.93 3.28
C LEU B 241 -35.45 -12.37 2.54
N GLY B 242 -36.08 -13.19 1.66
CA GLY B 242 -37.31 -12.84 0.97
C GLY B 242 -38.43 -12.46 1.94
N ASP B 243 -38.50 -13.19 3.05
CA ASP B 243 -39.46 -12.92 4.10
C ASP B 243 -39.23 -11.55 4.71
N HIS B 244 -37.95 -11.18 4.91
CA HIS B 244 -37.63 -9.89 5.53
C HIS B 244 -38.14 -8.76 4.65
N GLN B 245 -38.03 -8.96 3.34
CA GLN B 245 -38.46 -7.97 2.38
C GLN B 245 -39.99 -7.87 2.40
N VAL B 246 -40.67 -9.02 2.31
CA VAL B 246 -42.12 -9.01 2.18
C VAL B 246 -42.76 -8.47 3.45
N TYR B 247 -41.99 -8.42 4.53
CA TYR B 247 -42.45 -7.83 5.77
C TYR B 247 -42.40 -6.30 5.68
N ALA B 248 -41.22 -5.74 5.43
CA ALA B 248 -41.06 -4.29 5.38
C ALA B 248 -41.90 -3.69 4.25
N LYS B 249 -42.00 -4.44 3.13
CA LYS B 249 -42.80 -4.06 1.97
C LYS B 249 -44.22 -3.73 2.44
N LYS B 250 -44.72 -4.56 3.36
CA LYS B 250 -46.09 -4.48 3.82
C LYS B 250 -46.18 -3.49 4.97
N GLN B 251 -45.07 -3.28 5.67
CA GLN B 251 -45.09 -2.45 6.86
C GLN B 251 -44.92 -0.98 6.49
N ILE B 252 -44.67 -0.72 5.20
CA ILE B 252 -44.37 0.61 4.67
C ILE B 252 -45.37 0.91 3.57
N GLY B 253 -45.88 -0.15 2.96
CA GLY B 253 -46.90 -0.10 1.92
C GLY B 253 -46.30 0.43 0.63
N THR B 254 -45.10 -0.07 0.31
CA THR B 254 -44.32 0.35 -0.86
C THR B 254 -44.55 -0.65 -1.99
N ASP B 255 -44.30 -0.21 -3.23
CA ASP B 255 -44.31 -1.12 -4.36
C ASP B 255 -42.95 -1.82 -4.45
N ALA B 256 -41.97 -1.25 -3.75
CA ALA B 256 -40.58 -1.67 -3.79
C ALA B 256 -40.47 -3.13 -3.37
N LYS B 257 -39.93 -3.96 -4.28
CA LYS B 257 -39.74 -5.38 -3.97
C LYS B 257 -38.71 -5.51 -2.84
N HIS B 258 -37.70 -4.64 -2.85
CA HIS B 258 -36.57 -4.77 -1.95
C HIS B 258 -36.36 -3.47 -1.19
N PRO B 259 -37.16 -3.16 -0.16
CA PRO B 259 -36.90 -1.98 0.67
C PRO B 259 -35.73 -2.09 1.66
N LEU B 260 -34.98 -3.20 1.60
CA LEU B 260 -33.80 -3.41 2.45
C LEU B 260 -32.54 -3.64 1.61
N TYR B 261 -31.41 -3.10 2.08
CA TYR B 261 -30.11 -3.42 1.49
C TYR B 261 -29.46 -4.55 2.28
N LEU B 262 -29.41 -5.75 1.67
CA LEU B 262 -28.94 -6.93 2.37
C LEU B 262 -27.54 -7.39 1.93
N VAL B 263 -26.79 -7.96 2.89
CA VAL B 263 -25.36 -8.31 2.84
C VAL B 263 -25.16 -9.76 3.29
N PHE B 264 -24.50 -10.57 2.45
CA PHE B 264 -24.25 -12.00 2.67
C PHE B 264 -22.86 -12.25 3.27
N HIS B 265 -22.80 -12.57 4.57
CA HIS B 265 -21.57 -12.99 5.19
C HIS B 265 -21.43 -14.51 5.13
N GLY B 266 -20.21 -15.02 5.18
CA GLY B 266 -19.94 -16.43 5.17
C GLY B 266 -20.61 -17.27 4.12
N GLY B 267 -20.87 -16.68 2.98
CA GLY B 267 -21.53 -17.39 1.92
C GLY B 267 -20.65 -18.23 1.06
N SER B 268 -19.35 -18.18 1.29
CA SER B 268 -18.39 -18.94 0.53
C SER B 268 -18.73 -20.41 0.36
N GLY B 269 -18.59 -20.89 -0.87
CA GLY B 269 -18.85 -22.28 -1.16
C GLY B 269 -20.26 -22.80 -1.20
N SER B 270 -21.23 -21.91 -1.36
CA SER B 270 -22.62 -22.29 -1.43
C SER B 270 -22.98 -22.62 -2.85
N THR B 271 -24.23 -23.00 -3.15
CA THR B 271 -24.57 -23.32 -4.52
C THR B 271 -24.79 -22.03 -5.31
N GLN B 272 -24.80 -22.12 -6.64
CA GLN B 272 -25.07 -20.96 -7.45
C GLN B 272 -26.50 -20.46 -7.21
N GLU B 273 -27.43 -21.36 -6.89
CA GLU B 273 -28.83 -20.99 -6.80
C GLU B 273 -29.18 -20.51 -5.39
N GLU B 274 -28.29 -20.82 -4.44
CA GLU B 274 -28.37 -20.23 -3.12
C GLU B 274 -28.05 -18.74 -3.26
N PHE B 275 -26.98 -18.44 -4.00
CA PHE B 275 -26.60 -17.06 -4.30
C PHE B 275 -27.74 -16.39 -5.07
N ASN B 276 -28.29 -17.12 -6.06
CA ASN B 276 -29.38 -16.61 -6.85
C ASN B 276 -30.52 -16.14 -5.94
N THR B 277 -31.03 -17.05 -5.10
CA THR B 277 -32.19 -16.72 -4.29
C THR B 277 -31.86 -15.54 -3.37
N ALA B 278 -30.57 -15.37 -3.02
CA ALA B 278 -30.18 -14.33 -2.07
C ALA B 278 -30.14 -12.96 -2.75
N ILE B 279 -29.73 -12.95 -4.03
CA ILE B 279 -29.63 -11.75 -4.84
C ILE B 279 -31.03 -11.34 -5.29
N LYS B 280 -31.81 -12.33 -5.77
CA LYS B 280 -33.17 -12.04 -6.18
C LYS B 280 -33.95 -11.55 -4.97
N ASN B 281 -33.47 -11.91 -3.76
CA ASN B 281 -34.06 -11.48 -2.49
C ASN B 281 -33.34 -10.23 -1.98
N GLY B 282 -32.53 -9.62 -2.87
CA GLY B 282 -31.97 -8.28 -2.69
C GLY B 282 -30.66 -8.23 -1.89
N VAL B 283 -29.83 -9.28 -1.97
CA VAL B 283 -28.49 -9.12 -1.43
C VAL B 283 -27.66 -8.37 -2.46
N VAL B 284 -26.87 -7.38 -1.99
CA VAL B 284 -26.05 -6.58 -2.88
C VAL B 284 -24.55 -6.74 -2.62
N LYS B 285 -24.18 -7.54 -1.64
CA LYS B 285 -22.81 -7.68 -1.25
C LYS B 285 -22.47 -8.99 -0.62
N VAL B 286 -21.57 -9.76 -1.22
CA VAL B 286 -21.11 -11.03 -0.67
C VAL B 286 -19.66 -10.87 -0.22
N ASN B 287 -19.36 -11.32 0.97
CA ASN B 287 -18.02 -11.20 1.41
C ASN B 287 -17.15 -12.37 1.01
N LEU B 288 -15.96 -12.05 0.53
CA LEU B 288 -14.98 -13.01 0.13
C LEU B 288 -13.73 -12.66 0.87
N ASP B 289 -13.11 -13.63 1.49
CA ASP B 289 -11.91 -13.37 2.23
C ASP B 289 -10.99 -14.51 2.19
N THR B 290 -11.35 -15.62 2.76
CA THR B 290 -10.42 -16.72 2.80
C THR B 290 -10.30 -17.55 1.57
N ASP B 291 -11.12 -17.31 0.58
CA ASP B 291 -10.96 -18.05 -0.64
C ASP B 291 -10.02 -17.32 -1.56
N CYS B 292 -9.73 -16.07 -1.24
CA CYS B 292 -8.85 -15.20 -1.96
C CYS B 292 -7.50 -15.37 -1.39
N GLN B 293 -7.42 -15.58 -0.09
CA GLN B 293 -6.17 -15.79 0.56
C GLN B 293 -5.50 -16.99 0.00
N TYR B 294 -6.22 -18.07 -0.15
CA TYR B 294 -5.64 -19.25 -0.73
C TYR B 294 -5.22 -18.98 -2.13
N ALA B 295 -6.04 -18.31 -2.91
CA ALA B 295 -5.69 -18.03 -4.26
C ALA B 295 -4.43 -17.23 -4.35
N TYR B 296 -4.28 -16.24 -3.50
CA TYR B 296 -3.09 -15.45 -3.49
C TYR B 296 -1.86 -16.32 -3.30
N LEU B 297 -1.88 -17.20 -2.33
CA LEU B 297 -0.75 -18.05 -2.08
C LEU B 297 -0.46 -18.98 -3.21
N THR B 298 -1.50 -19.55 -3.77
CA THR B 298 -1.40 -20.44 -4.90
C THR B 298 -0.50 -20.10 -6.06
N GLY B 299 -0.29 -18.84 -6.42
CA GLY B 299 0.55 -18.56 -7.55
C GLY B 299 1.96 -18.27 -7.14
N ILE B 300 2.11 -17.84 -5.93
CA ILE B 300 3.41 -17.54 -5.39
C ILE B 300 4.04 -18.80 -4.93
N ARG B 301 3.22 -19.76 -4.53
CA ARG B 301 3.67 -21.05 -4.10
C ARG B 301 4.12 -21.81 -5.29
N ASP B 302 3.49 -21.62 -6.42
CA ASP B 302 3.91 -22.32 -7.60
C ASP B 302 5.23 -21.79 -8.09
N TYR B 303 5.79 -20.84 -7.37
CA TYR B 303 7.14 -20.33 -7.65
C TYR B 303 8.12 -21.10 -6.74
N VAL B 304 7.68 -22.24 -6.22
CA VAL B 304 8.53 -23.31 -5.72
C VAL B 304 9.10 -24.06 -6.93
N THR B 305 8.72 -23.63 -8.13
CA THR B 305 9.24 -24.23 -9.36
C THR B 305 10.57 -23.55 -9.73
N ASN B 306 10.94 -22.50 -8.99
CA ASN B 306 12.21 -21.84 -9.13
C ASN B 306 12.99 -21.96 -7.82
N LYS B 307 12.96 -23.18 -7.32
CA LYS B 307 13.56 -23.58 -6.08
C LYS B 307 15.01 -23.36 -6.06
N ILE B 308 15.75 -23.87 -7.04
CA ILE B 308 17.19 -23.69 -6.98
C ILE B 308 17.66 -22.33 -7.47
N GLU B 309 16.76 -21.61 -8.11
CA GLU B 309 16.99 -20.28 -8.58
C GLU B 309 16.69 -19.34 -7.41
N TYR B 310 16.39 -19.84 -6.22
CA TYR B 310 16.05 -19.02 -5.10
C TYR B 310 17.17 -18.96 -4.14
N LEU B 311 18.37 -19.14 -4.68
CA LEU B 311 19.63 -19.07 -3.97
C LEU B 311 20.42 -17.88 -4.56
N LYS B 312 20.81 -16.96 -3.69
CA LYS B 312 21.46 -15.67 -3.98
C LYS B 312 22.23 -15.29 -5.25
N ALA B 313 23.21 -16.07 -5.67
CA ALA B 313 24.04 -15.69 -6.82
C ALA B 313 24.37 -16.76 -7.83
N PRO B 314 24.10 -17.98 -7.46
CA PRO B 314 24.31 -19.25 -8.15
C PRO B 314 23.08 -19.98 -8.62
N VAL B 315 22.76 -19.90 -9.90
CA VAL B 315 21.61 -20.61 -10.41
C VAL B 315 22.01 -21.91 -11.03
N GLY B 316 22.06 -22.93 -10.20
CA GLY B 316 22.43 -24.28 -10.52
C GLY B 316 22.22 -24.73 -11.95
N ASN B 317 21.03 -24.49 -12.47
CA ASN B 317 20.69 -24.84 -13.85
C ASN B 317 21.74 -24.52 -14.89
N PRO B 318 22.21 -23.28 -14.93
CA PRO B 318 23.20 -22.99 -15.93
C PRO B 318 24.59 -22.73 -15.39
N GLU B 319 24.74 -22.16 -14.21
CA GLU B 319 26.10 -21.96 -13.75
C GLU B 319 26.40 -22.04 -12.29
N GLY B 320 26.58 -23.26 -11.79
CA GLY B 320 26.90 -23.59 -10.41
C GLY B 320 26.92 -22.53 -9.33
N ALA B 321 27.75 -21.52 -9.49
CA ALA B 321 27.75 -20.44 -8.56
C ALA B 321 28.21 -19.19 -9.24
N ASP B 322 28.24 -19.20 -10.56
CA ASP B 322 28.71 -18.01 -11.26
C ASP B 322 27.70 -17.57 -12.31
N LYS B 323 26.45 -17.38 -11.92
CA LYS B 323 25.35 -16.90 -12.77
C LYS B 323 24.34 -16.33 -11.80
N PRO B 324 24.11 -15.01 -11.85
CA PRO B 324 23.29 -14.24 -10.91
C PRO B 324 21.84 -14.46 -11.08
N ASN B 325 21.08 -14.46 -10.00
CA ASN B 325 19.67 -14.68 -10.14
C ASN B 325 18.81 -13.58 -9.56
N LYS B 326 19.12 -12.34 -9.90
CA LYS B 326 18.33 -11.21 -9.48
C LYS B 326 17.02 -11.16 -10.27
N LYS B 327 17.00 -11.81 -11.45
CA LYS B 327 15.87 -11.76 -12.35
C LYS B 327 14.84 -12.81 -11.97
N TYR B 328 15.21 -13.70 -11.05
CA TYR B 328 14.34 -14.74 -10.54
C TYR B 328 13.75 -14.37 -9.18
N PHE B 329 14.52 -13.66 -8.34
CA PHE B 329 14.08 -13.38 -6.98
C PHE B 329 13.57 -11.95 -6.76
N ASP B 330 13.38 -11.19 -7.83
CA ASP B 330 12.83 -9.85 -7.77
C ASP B 330 11.41 -10.00 -7.31
N PRO B 331 10.98 -9.36 -6.22
CA PRO B 331 9.59 -9.55 -5.81
C PRO B 331 8.50 -9.25 -6.83
N ARG B 332 8.79 -8.41 -7.80
CA ARG B 332 7.84 -8.03 -8.80
C ARG B 332 7.64 -9.02 -9.91
N VAL B 333 8.06 -10.25 -9.67
CA VAL B 333 7.96 -11.34 -10.56
C VAL B 333 7.15 -12.37 -9.82
N TRP B 334 7.53 -12.69 -8.61
CA TRP B 334 6.79 -13.71 -7.89
C TRP B 334 5.60 -13.24 -7.13
N VAL B 335 5.60 -12.00 -6.70
CA VAL B 335 4.43 -11.54 -6.00
C VAL B 335 3.36 -11.40 -7.01
N ARG B 336 3.71 -10.85 -8.15
CA ARG B 336 2.81 -10.68 -9.22
C ARG B 336 2.19 -11.98 -9.61
N GLU B 337 2.89 -13.07 -9.48
CA GLU B 337 2.33 -14.37 -9.84
C GLU B 337 1.18 -14.67 -8.89
N GLY B 338 1.30 -14.18 -7.64
CA GLY B 338 0.26 -14.43 -6.65
C GLY B 338 -0.96 -13.53 -6.85
N GLU B 339 -0.72 -12.30 -7.28
CA GLU B 339 -1.78 -11.40 -7.58
C GLU B 339 -2.61 -11.99 -8.67
N LYS B 340 -1.99 -12.53 -9.70
CA LYS B 340 -2.69 -13.06 -10.88
C LYS B 340 -3.69 -14.18 -10.55
N THR B 341 -3.36 -15.02 -9.61
CA THR B 341 -4.23 -16.12 -9.22
C THR B 341 -5.29 -15.66 -8.27
N MET B 342 -5.00 -14.63 -7.52
CA MET B 342 -6.02 -14.04 -6.66
C MET B 342 -7.05 -13.33 -7.55
N SER B 343 -6.57 -12.48 -8.47
CA SER B 343 -7.45 -11.80 -9.41
C SER B 343 -8.34 -12.83 -10.12
N LYS B 344 -7.79 -14.00 -10.51
CA LYS B 344 -8.53 -14.98 -11.29
C LYS B 344 -9.69 -15.56 -10.48
N ARG B 345 -9.45 -15.85 -9.23
CA ARG B 345 -10.50 -16.34 -8.41
C ARG B 345 -11.51 -15.25 -8.18
N ILE B 346 -11.10 -14.00 -8.03
CA ILE B 346 -12.08 -12.94 -7.90
C ILE B 346 -12.93 -12.88 -9.18
N ALA B 347 -12.29 -13.17 -10.32
CA ALA B 347 -12.97 -13.17 -11.61
C ALA B 347 -14.11 -14.18 -11.57
N GLU B 348 -13.83 -15.40 -11.07
CA GLU B 348 -14.81 -16.48 -11.02
C GLU B 348 -16.04 -15.99 -10.28
N ALA B 349 -15.79 -15.24 -9.20
CA ALA B 349 -16.79 -14.73 -8.30
C ALA B 349 -17.58 -13.60 -8.98
N LEU B 350 -16.93 -12.82 -9.84
CA LEU B 350 -17.68 -11.75 -10.48
C LEU B 350 -18.64 -12.34 -11.51
N ASP B 351 -18.33 -13.55 -11.99
CA ASP B 351 -19.19 -14.23 -12.95
C ASP B 351 -20.39 -14.78 -12.20
N ILE B 352 -20.09 -15.46 -11.08
CA ILE B 352 -21.06 -16.21 -10.29
C ILE B 352 -22.17 -15.30 -9.77
N PHE B 353 -21.80 -14.10 -9.32
CA PHE B 353 -22.72 -13.15 -8.71
C PHE B 353 -23.34 -12.22 -9.74
N HIS B 354 -23.06 -12.48 -11.02
CA HIS B 354 -23.64 -11.78 -12.15
C HIS B 354 -23.15 -10.33 -12.19
N THR B 355 -21.95 -10.11 -11.63
CA THR B 355 -21.43 -8.76 -11.46
C THR B 355 -20.57 -8.42 -12.67
N LYS B 356 -19.97 -9.46 -13.26
CA LYS B 356 -19.20 -9.34 -14.50
C LYS B 356 -20.02 -8.62 -15.56
N GLY B 357 -19.40 -7.63 -16.21
CA GLY B 357 -19.94 -7.03 -17.42
C GLY B 357 -21.14 -6.10 -17.23
N GLN B 358 -21.20 -5.39 -16.10
CA GLN B 358 -22.28 -4.45 -15.83
C GLN B 358 -21.76 -3.02 -15.93
N LEU B 359 -20.55 -2.87 -16.45
CA LEU B 359 -19.99 -1.53 -16.46
C LEU B 359 -19.90 -1.04 -17.91
#